data_2HIY
#
_entry.id   2HIY
#
_cell.length_a   63.252
_cell.length_b   108.845
_cell.length_c   65.527
_cell.angle_alpha   90.00
_cell.angle_beta   97.15
_cell.angle_gamma   90.00
#
_symmetry.space_group_name_H-M   'P 1 21 1'
#
loop_
_entity.id
_entity.type
_entity.pdbx_description
1 polymer 'Hypothetical protein'
2 non-polymer 'CHLORIDE ION'
3 non-polymer GLYCEROL
4 non-polymer 'MAGNESIUM ION'
5 water water
#
_entity_poly.entity_id   1
_entity_poly.type   'polypeptide(L)'
_entity_poly.pdbx_seq_one_letter_code
;SNA(MSE)TRYALLVRGINVGGKNKVV(MSE)AELRQELTNLGLEKVESYINSGNIFFTSIDSKAQLVEKLETFFAVHYP
FIQSFSLLSLEDFEAELENLPAWWSRDLARKDFLFYTEGLDVDQVIATVESLELKDEVLYFGKLGIFWGKFSEESYSKTA
YHKYLLKVPFYRHITIRNAKTFDKIGQ(MSE)LKK
;
_entity_poly.pdbx_strand_id   A,B,C,D
#
# COMPACT_ATOMS: atom_id res chain seq x y z
N ALA A 3 7.06 24.84 -12.39
CA ALA A 3 6.92 24.59 -10.92
C ALA A 3 6.15 23.30 -10.65
N THR A 5 3.27 21.17 -10.07
CA THR A 5 1.94 21.44 -10.60
C THR A 5 1.06 20.24 -10.29
N ARG A 6 -0.18 20.51 -9.90
CA ARG A 6 -1.15 19.47 -9.62
C ARG A 6 -1.97 19.26 -10.90
N TYR A 7 -2.12 17.99 -11.27
CA TYR A 7 -2.82 17.58 -12.50
C TYR A 7 -3.96 16.65 -12.22
N ALA A 8 -4.97 16.71 -13.09
CA ALA A 8 -6.01 15.70 -13.19
C ALA A 8 -5.78 14.94 -14.49
N LEU A 9 -5.83 13.62 -14.37
CA LEU A 9 -5.66 12.69 -15.49
C LEU A 9 -6.98 11.92 -15.56
N LEU A 10 -7.73 12.11 -16.66
CA LEU A 10 -9.06 11.50 -16.80
C LEU A 10 -9.06 10.59 -17.99
N VAL A 11 -9.62 9.40 -17.81
CA VAL A 11 -9.63 8.40 -18.90
C VAL A 11 -11.06 7.93 -19.13
N ARG A 12 -11.35 7.60 -20.38
CA ARG A 12 -12.68 7.09 -20.73
C ARG A 12 -12.67 5.58 -20.89
N GLY A 13 -13.82 4.97 -20.71
CA GLY A 13 -14.05 3.59 -21.13
C GLY A 13 -13.55 2.47 -20.23
N ILE A 14 -13.11 2.80 -19.03
CA ILE A 14 -12.58 1.78 -18.14
C ILE A 14 -13.61 1.28 -17.14
N ASN A 15 -13.38 0.07 -16.63
CA ASN A 15 -14.21 -0.51 -15.56
C ASN A 15 -15.69 -0.48 -15.91
N VAL A 16 -15.97 -0.92 -17.13
CA VAL A 16 -17.33 -1.09 -17.63
C VAL A 16 -17.39 -2.36 -18.51
N GLY A 17 -18.57 -2.96 -18.58
CA GLY A 17 -18.86 -4.03 -19.55
C GLY A 17 -18.13 -5.34 -19.28
N LYS A 19 -15.18 -5.22 -18.42
CA LYS A 19 -13.90 -5.33 -19.09
C LYS A 19 -13.16 -4.00 -18.87
N ASN A 20 -12.01 -3.91 -19.52
CA ASN A 20 -11.16 -2.73 -19.42
C ASN A 20 -10.87 -2.44 -17.94
N LYS A 21 -10.44 -3.48 -17.24
CA LYS A 21 -10.31 -3.42 -15.81
C LYS A 21 -9.06 -2.69 -15.36
N VAL A 22 -9.27 -1.74 -14.45
CA VAL A 22 -8.17 -1.01 -13.81
C VAL A 22 -8.47 -0.96 -12.31
N VAL A 23 -7.56 -1.51 -11.51
CA VAL A 23 -7.70 -1.44 -10.05
C VAL A 23 -7.02 -0.16 -9.60
N ALA A 25 -5.96 1.09 -6.76
CA ALA A 25 -4.80 1.00 -5.88
C ALA A 25 -3.55 0.60 -6.66
N GLU A 26 -3.74 -0.26 -7.66
CA GLU A 26 -2.62 -0.72 -8.48
C GLU A 26 -2.15 0.42 -9.35
N LEU A 27 -3.08 1.12 -9.99
CA LEU A 27 -2.71 2.21 -10.87
C LEU A 27 -1.98 3.28 -10.09
N ARG A 28 -2.45 3.62 -8.89
CA ARG A 28 -1.81 4.68 -8.12
C ARG A 28 -0.38 4.30 -7.80
N GLN A 29 -0.15 3.04 -7.45
CA GLN A 29 1.22 2.62 -7.14
C GLN A 29 2.10 2.59 -8.40
N GLU A 30 1.55 2.14 -9.53
CA GLU A 30 2.30 2.12 -10.78
C GLU A 30 2.69 3.53 -11.20
N LEU A 31 1.76 4.47 -11.09
CA LEU A 31 2.06 5.85 -11.44
C LEU A 31 3.08 6.46 -10.48
N THR A 32 3.00 6.07 -9.20
CA THR A 32 4.02 6.50 -8.24
C THR A 32 5.39 5.96 -8.67
N ASN A 33 5.43 4.70 -9.06
CA ASN A 33 6.68 4.08 -9.56
C ASN A 33 7.20 4.78 -10.83
N LEU A 34 6.28 5.22 -11.67
CA LEU A 34 6.61 5.97 -12.88
C LEU A 34 7.24 7.33 -12.57
N GLY A 35 7.07 7.81 -11.34
CA GLY A 35 7.68 9.05 -10.88
C GLY A 35 6.70 10.19 -10.55
N LEU A 36 5.40 9.93 -10.62
CA LEU A 36 4.40 10.96 -10.29
C LEU A 36 4.22 10.98 -8.78
N GLU A 37 3.88 12.14 -8.22
CA GLU A 37 3.82 12.28 -6.75
C GLU A 37 2.43 12.51 -6.21
N LYS A 38 2.23 12.08 -4.96
CA LYS A 38 0.99 12.33 -4.23
C LYS A 38 -0.22 11.89 -5.08
N VAL A 39 -0.15 10.67 -5.58
CA VAL A 39 -1.14 10.17 -6.50
C VAL A 39 -2.41 9.75 -5.76
N GLU A 40 -3.55 10.31 -6.21
CA GLU A 40 -4.86 10.05 -5.62
C GLU A 40 -5.84 9.70 -6.74
N SER A 41 -6.94 9.05 -6.39
CA SER A 41 -8.00 8.82 -7.34
C SER A 41 -9.36 9.10 -6.73
N TYR A 42 -10.32 9.30 -7.62
CA TYR A 42 -11.71 9.54 -7.21
C TYR A 42 -12.59 8.54 -7.96
N ILE A 43 -13.40 7.82 -7.18
CA ILE A 43 -14.23 6.72 -7.70
C ILE A 43 -13.50 5.77 -8.62
N ASN A 44 -14.18 5.17 -9.60
CA ASN A 44 -13.57 4.06 -10.35
C ASN A 44 -13.60 4.23 -11.84
N SER A 45 -14.05 5.38 -12.30
CA SER A 45 -14.19 5.61 -13.73
C SER A 45 -12.96 6.18 -14.39
N GLY A 46 -11.93 6.47 -13.60
CA GLY A 46 -10.66 6.96 -14.13
C GLY A 46 -10.44 8.44 -13.91
N ASN A 47 -10.35 8.84 -12.65
CA ASN A 47 -10.06 10.21 -12.25
C ASN A 47 -8.88 10.15 -11.30
N ILE A 48 -7.71 10.49 -11.85
CA ILE A 48 -6.45 10.39 -11.13
C ILE A 48 -5.87 11.80 -10.96
N PHE A 49 -5.23 12.06 -9.81
CA PHE A 49 -4.66 13.37 -9.52
C PHE A 49 -3.25 13.13 -9.05
N PHE A 50 -2.33 13.96 -9.54
CA PHE A 50 -0.92 13.81 -9.14
C PHE A 50 -0.21 15.13 -9.24
N THR A 51 0.97 15.19 -8.61
CA THR A 51 1.80 16.37 -8.66
C THR A 51 3.08 16.02 -9.40
N SER A 52 3.55 16.96 -10.21
CA SER A 52 4.82 16.80 -10.91
C SER A 52 5.41 18.15 -11.30
N ILE A 53 6.73 18.21 -11.33
CA ILE A 53 7.42 19.37 -11.86
C ILE A 53 7.96 19.08 -13.27
N ASP A 54 7.72 17.88 -13.78
CA ASP A 54 8.14 17.54 -15.12
C ASP A 54 7.36 18.37 -16.14
N SER A 55 7.90 18.58 -17.33
CA SER A 55 7.16 19.32 -18.36
C SER A 55 5.89 18.56 -18.78
N LYS A 56 4.86 19.30 -19.16
CA LYS A 56 3.65 18.60 -19.57
C LYS A 56 3.93 17.71 -20.77
N ALA A 57 4.77 18.15 -21.70
CA ALA A 57 5.05 17.31 -22.86
C ALA A 57 5.70 15.98 -22.46
N GLN A 58 6.62 16.00 -21.49
N GLN A 58 6.62 16.02 -21.50
CA GLN A 58 7.22 14.76 -21.02
CA GLN A 58 7.23 14.80 -20.98
C GLN A 58 6.24 13.90 -20.22
C GLN A 58 6.20 13.93 -20.27
N LEU A 59 5.33 14.53 -19.48
CA LEU A 59 4.27 13.80 -18.81
C LEU A 59 3.38 13.08 -19.79
N VAL A 60 2.96 13.76 -20.86
CA VAL A 60 2.10 13.14 -21.83
C VAL A 60 2.80 11.96 -22.47
N GLU A 61 4.08 12.11 -22.82
CA GLU A 61 4.82 11.02 -23.44
C GLU A 61 4.96 9.83 -22.48
N LYS A 62 5.30 10.12 -21.22
CA LYS A 62 5.43 9.06 -20.24
C LYS A 62 4.14 8.33 -20.05
N LEU A 63 3.03 9.07 -19.99
CA LEU A 63 1.74 8.41 -19.77
C LEU A 63 1.28 7.61 -20.98
N GLU A 64 1.51 8.14 -22.18
CA GLU A 64 1.16 7.36 -23.38
C GLU A 64 1.92 6.05 -23.47
N THR A 65 3.21 6.13 -23.19
CA THR A 65 4.05 4.94 -23.19
C THR A 65 3.60 3.98 -22.08
N PHE A 66 3.29 4.52 -20.91
CA PHE A 66 2.81 3.69 -19.81
C PHE A 66 1.52 2.95 -20.16
N PHE A 67 0.51 3.68 -20.64
CA PHE A 67 -0.75 3.00 -20.96
C PHE A 67 -0.61 1.97 -22.09
N ALA A 68 0.21 2.28 -23.09
CA ALA A 68 0.36 1.37 -24.22
C ALA A 68 0.83 -0.02 -23.79
N VAL A 69 1.60 -0.08 -22.71
CA VAL A 69 2.12 -1.34 -22.20
C VAL A 69 1.17 -1.95 -21.16
N HIS A 70 0.71 -1.13 -20.21
CA HIS A 70 0.04 -1.65 -19.03
C HIS A 70 -1.49 -1.70 -19.14
N TYR A 71 -2.10 -0.80 -19.91
CA TYR A 71 -3.57 -0.71 -20.04
C TYR A 71 -3.87 -0.30 -21.47
N PRO A 72 -3.63 -1.19 -22.46
CA PRO A 72 -3.65 -0.75 -23.85
C PRO A 72 -5.02 -0.31 -24.35
N PHE A 73 -6.07 -0.61 -23.60
CA PHE A 73 -7.41 -0.12 -23.95
C PHE A 73 -7.59 1.37 -23.62
N ILE A 74 -6.67 1.96 -22.85
CA ILE A 74 -6.69 3.43 -22.60
C ILE A 74 -5.94 4.08 -23.75
N GLN A 75 -6.73 4.53 -24.74
CA GLN A 75 -6.22 5.02 -26.02
C GLN A 75 -6.38 6.52 -26.18
N SER A 76 -6.90 7.17 -25.14
CA SER A 76 -6.94 8.63 -25.07
C SER A 76 -6.97 8.98 -23.60
N PHE A 77 -6.53 10.21 -23.30
CA PHE A 77 -6.72 10.70 -21.93
C PHE A 77 -6.73 12.20 -21.90
N SER A 78 -7.39 12.77 -20.88
CA SER A 78 -7.34 14.20 -20.59
C SER A 78 -6.31 14.44 -19.53
N LEU A 79 -5.49 15.47 -19.70
CA LEU A 79 -4.50 15.84 -18.67
C LEU A 79 -4.54 17.34 -18.54
N LEU A 80 -4.91 17.81 -17.35
CA LEU A 80 -5.07 19.25 -17.15
C LEU A 80 -4.63 19.65 -15.76
N SER A 81 -4.20 20.91 -15.65
CA SER A 81 -3.67 21.37 -14.38
C SER A 81 -4.72 22.07 -13.51
N LEU A 82 -4.39 22.30 -12.24
CA LEU A 82 -5.23 23.11 -11.37
C LEU A 82 -5.46 24.48 -11.97
N GLU A 83 -4.40 25.09 -12.50
CA GLU A 83 -4.48 26.42 -13.11
C GLU A 83 -5.46 26.40 -14.29
N ASP A 84 -5.36 25.36 -15.12
CA ASP A 84 -6.32 25.21 -16.21
C ASP A 84 -7.76 25.17 -15.69
N PHE A 85 -7.98 24.35 -14.67
CA PHE A 85 -9.34 24.19 -14.15
C PHE A 85 -9.87 25.47 -13.52
N GLU A 86 -9.04 26.15 -12.75
CA GLU A 86 -9.46 27.42 -12.17
C GLU A 86 -9.83 28.44 -13.26
N ALA A 87 -9.10 28.46 -14.37
CA ALA A 87 -9.43 29.36 -15.48
C ALA A 87 -10.82 29.01 -16.04
N GLU A 88 -11.08 27.72 -16.20
CA GLU A 88 -12.40 27.29 -16.68
C GLU A 88 -13.51 27.72 -15.73
N LEU A 89 -13.24 27.68 -14.42
CA LEU A 89 -14.24 28.03 -13.40
C LEU A 89 -14.59 29.51 -13.42
N GLU A 90 -13.79 30.32 -14.12
CA GLU A 90 -14.08 31.75 -14.25
C GLU A 90 -14.99 32.08 -15.42
N ASN A 91 -15.32 31.06 -16.23
CA ASN A 91 -16.20 31.29 -17.37
C ASN A 91 -17.22 30.16 -17.51
N LEU A 92 -17.91 29.87 -16.43
CA LEU A 92 -18.97 28.87 -16.44
C LEU A 92 -20.23 29.51 -17.01
N PRO A 93 -20.94 28.80 -17.90
CA PRO A 93 -22.22 29.33 -18.37
C PRO A 93 -23.18 29.54 -17.20
N ALA A 94 -24.05 30.54 -17.30
CA ALA A 94 -24.97 30.80 -16.19
C ALA A 94 -25.92 29.62 -16.01
N TRP A 95 -26.24 28.93 -17.10
CA TRP A 95 -27.14 27.79 -17.01
C TRP A 95 -26.51 26.57 -16.36
N TRP A 96 -25.16 26.52 -16.31
CA TRP A 96 -24.47 25.38 -15.74
C TRP A 96 -24.79 25.15 -14.27
N SER A 97 -25.24 26.19 -13.60
CA SER A 97 -25.58 26.12 -12.17
C SER A 97 -27.06 25.83 -11.86
N ARG A 98 -27.88 25.68 -12.88
CA ARG A 98 -29.32 25.45 -12.75
C ARG A 98 -29.65 23.94 -12.76
N ASP A 99 -30.86 23.60 -12.30
CA ASP A 99 -31.33 22.21 -12.18
C ASP A 99 -31.84 21.60 -13.47
N LEU A 100 -30.99 21.61 -14.47
CA LEU A 100 -31.32 20.98 -15.72
C LEU A 100 -31.39 19.49 -15.45
N ALA A 101 -32.14 18.80 -16.29
CA ALA A 101 -32.31 17.36 -16.14
C ALA A 101 -30.97 16.68 -16.16
N ARG A 102 -30.12 17.08 -17.11
CA ARG A 102 -28.78 16.47 -17.22
C ARG A 102 -27.74 17.53 -17.61
N LYS A 103 -26.58 17.49 -16.97
CA LYS A 103 -25.46 18.35 -17.31
C LYS A 103 -24.21 17.51 -17.40
N ASP A 104 -23.53 17.59 -18.53
CA ASP A 104 -22.30 16.85 -18.76
C ASP A 104 -21.22 17.77 -19.27
N PHE A 105 -19.99 17.43 -18.95
CA PHE A 105 -18.83 18.13 -19.47
C PHE A 105 -18.06 17.13 -20.30
N LEU A 106 -17.79 17.48 -21.56
CA LEU A 106 -17.00 16.62 -22.45
C LEU A 106 -15.59 17.16 -22.44
N PHE A 107 -14.69 16.52 -21.67
CA PHE A 107 -13.32 17.01 -21.60
C PHE A 107 -12.54 16.63 -22.86
N TYR A 108 -11.83 17.60 -23.43
CA TYR A 108 -10.93 17.32 -24.52
C TYR A 108 -9.78 16.45 -24.03
N THR A 109 -9.16 15.72 -24.96
CA THR A 109 -8.04 14.83 -24.64
C THR A 109 -6.77 15.34 -25.31
N GLU A 110 -5.64 14.81 -24.85
CA GLU A 110 -4.37 15.19 -25.46
C GLU A 110 -4.28 14.78 -26.91
N GLY A 111 -3.86 15.74 -27.72
CA GLY A 111 -3.74 15.50 -29.16
C GLY A 111 -5.01 15.72 -29.96
N LEU A 112 -6.12 16.03 -29.30
CA LEU A 112 -7.40 16.15 -30.01
C LEU A 112 -7.38 17.37 -30.95
N ASP A 113 -7.94 17.20 -32.16
CA ASP A 113 -8.13 18.30 -33.11
C ASP A 113 -9.38 19.06 -32.69
N VAL A 114 -9.21 19.97 -31.75
CA VAL A 114 -10.35 20.65 -31.18
C VAL A 114 -11.15 21.45 -32.21
N ASP A 115 -10.46 22.06 -33.16
CA ASP A 115 -11.21 22.84 -34.12
C ASP A 115 -12.14 21.94 -34.95
N GLN A 116 -11.67 20.72 -35.23
CA GLN A 116 -12.55 19.83 -35.99
C GLN A 116 -13.71 19.32 -35.13
N VAL A 117 -13.45 19.08 -33.84
CA VAL A 117 -14.54 18.72 -32.92
C VAL A 117 -15.59 19.82 -32.92
N ILE A 118 -15.14 21.08 -32.82
CA ILE A 118 -16.10 22.19 -32.77
C ILE A 118 -16.90 22.21 -34.07
N ALA A 119 -16.23 22.04 -35.24
CA ALA A 119 -16.98 22.03 -36.49
C ALA A 119 -18.00 20.90 -36.55
N THR A 120 -17.60 19.72 -36.08
CA THR A 120 -18.53 18.59 -36.09
C THR A 120 -19.74 18.89 -35.16
N VAL A 121 -19.46 19.39 -33.96
CA VAL A 121 -20.55 19.66 -33.03
C VAL A 121 -21.47 20.76 -33.59
N GLU A 122 -20.89 21.80 -34.18
CA GLU A 122 -21.72 22.89 -34.73
C GLU A 122 -22.60 22.43 -35.87
N SER A 123 -22.27 21.31 -36.53
CA SER A 123 -23.09 20.77 -37.60
C SER A 123 -24.35 20.06 -37.08
N LEU A 124 -24.40 19.73 -35.79
CA LEU A 124 -25.55 19.00 -35.25
C LEU A 124 -26.74 19.93 -35.00
N GLU A 125 -27.94 19.47 -35.31
CA GLU A 125 -29.11 20.30 -35.02
C GLU A 125 -29.57 20.06 -33.59
N LEU A 126 -29.31 21.04 -32.74
CA LEU A 126 -29.68 20.94 -31.33
C LEU A 126 -31.17 21.12 -31.16
N LYS A 127 -31.69 20.44 -30.14
CA LYS A 127 -33.10 20.55 -29.78
C LYS A 127 -33.18 21.02 -28.32
N ASP A 128 -33.65 20.21 -27.37
CA ASP A 128 -33.95 20.77 -26.04
C ASP A 128 -32.70 20.69 -25.14
N GLU A 129 -31.72 21.49 -25.53
CA GLU A 129 -30.37 21.39 -24.97
C GLU A 129 -29.63 22.68 -25.26
N VAL A 130 -28.55 22.92 -24.50
N VAL A 130 -28.49 22.84 -24.58
CA VAL A 130 -27.63 24.03 -24.77
CA VAL A 130 -27.65 23.99 -24.73
C VAL A 130 -26.21 23.57 -24.54
C VAL A 130 -26.22 23.51 -24.58
N LEU A 131 -25.28 24.09 -25.33
CA LEU A 131 -23.89 23.74 -25.13
C LEU A 131 -23.03 24.97 -25.26
N TYR A 132 -21.86 24.94 -24.66
CA TYR A 132 -20.92 26.05 -24.70
C TYR A 132 -19.53 25.46 -24.82
N PHE A 133 -18.74 25.99 -25.77
CA PHE A 133 -17.37 25.51 -25.94
C PHE A 133 -16.46 26.23 -24.96
N GLY A 134 -16.00 25.50 -23.95
CA GLY A 134 -15.06 26.07 -22.99
C GLY A 134 -13.62 25.83 -23.40
N LYS A 135 -12.67 26.13 -22.52
CA LYS A 135 -11.28 25.92 -22.90
C LYS A 135 -10.86 24.46 -22.79
N LEU A 136 -11.39 23.75 -21.79
CA LEU A 136 -11.00 22.37 -21.54
C LEU A 136 -11.95 21.35 -22.13
N GLY A 137 -13.05 21.82 -22.70
CA GLY A 137 -14.06 20.89 -23.17
C GLY A 137 -15.39 21.61 -23.36
N ILE A 138 -16.44 20.80 -23.52
CA ILE A 138 -17.75 21.32 -23.90
C ILE A 138 -18.72 21.14 -22.74
N PHE A 139 -19.34 22.24 -22.30
CA PHE A 139 -20.46 22.15 -21.32
C PHE A 139 -21.72 21.81 -22.13
N TRP A 140 -22.49 20.81 -21.72
CA TRP A 140 -23.64 20.41 -22.52
C TRP A 140 -24.78 20.04 -21.60
N GLY A 141 -25.81 20.88 -21.59
CA GLY A 141 -26.97 20.70 -20.73
C GLY A 141 -28.17 20.24 -21.54
N LYS A 142 -28.93 19.32 -20.98
CA LYS A 142 -30.17 18.84 -21.59
C LYS A 142 -31.30 19.18 -20.59
N PHE A 143 -32.35 19.85 -21.04
CA PHE A 143 -33.30 20.46 -20.10
C PHE A 143 -34.27 19.50 -19.46
N SER A 144 -34.66 18.43 -20.16
CA SER A 144 -35.81 17.63 -19.69
C SER A 144 -35.68 16.15 -20.02
N GLU A 145 -36.04 15.31 -19.06
CA GLU A 145 -36.13 13.87 -19.34
C GLU A 145 -37.16 13.57 -20.42
N GLU A 146 -38.24 14.33 -20.48
CA GLU A 146 -39.28 14.08 -21.48
C GLU A 146 -38.75 14.23 -22.90
N SER A 147 -37.86 15.20 -23.10
CA SER A 147 -37.36 15.56 -24.44
C SER A 147 -35.95 15.00 -24.71
N TYR A 148 -35.36 14.33 -23.72
CA TYR A 148 -33.99 13.91 -23.80
C TYR A 148 -33.71 13.05 -25.03
N SER A 149 -34.63 12.13 -25.34
CA SER A 149 -34.34 11.22 -26.46
C SER A 149 -34.37 11.91 -27.81
N LYS A 150 -34.84 13.17 -27.86
CA LYS A 150 -34.81 13.94 -29.11
C LYS A 150 -33.60 14.86 -29.21
N THR A 151 -32.74 14.87 -28.20
CA THR A 151 -31.61 15.78 -28.23
C THR A 151 -30.51 15.28 -29.15
N ALA A 152 -29.74 16.22 -29.67
CA ALA A 152 -28.56 15.83 -30.44
C ALA A 152 -27.59 15.07 -29.56
N TYR A 153 -27.47 15.45 -28.29
CA TYR A 153 -26.56 14.75 -27.40
C TYR A 153 -26.88 13.25 -27.41
N HIS A 154 -28.14 12.90 -27.25
CA HIS A 154 -28.54 11.50 -27.23
C HIS A 154 -28.45 10.84 -28.59
N LYS A 155 -28.95 11.53 -29.60
CA LYS A 155 -29.11 10.90 -30.90
C LYS A 155 -27.83 10.81 -31.67
N TYR A 156 -26.90 11.74 -31.47
CA TYR A 156 -25.77 11.83 -32.39
C TYR A 156 -24.39 11.59 -31.80
N LEU A 157 -24.23 11.60 -30.48
CA LEU A 157 -22.88 11.52 -29.96
C LEU A 157 -22.18 10.23 -30.35
N LEU A 158 -22.88 9.09 -30.38
CA LEU A 158 -22.22 7.86 -30.82
C LEU A 158 -21.89 7.84 -32.30
N LYS A 159 -22.43 8.79 -33.04
CA LYS A 159 -22.14 8.86 -34.47
C LYS A 159 -20.90 9.71 -34.80
N VAL A 160 -20.30 10.38 -33.82
CA VAL A 160 -19.20 11.29 -34.14
C VAL A 160 -17.85 10.58 -34.05
N PRO A 161 -16.89 10.95 -34.90
CA PRO A 161 -15.58 10.33 -34.87
C PRO A 161 -14.78 10.59 -33.60
N PHE A 162 -15.11 11.65 -32.88
CA PHE A 162 -14.31 12.06 -31.73
C PHE A 162 -14.75 11.44 -30.43
N TYR A 163 -15.79 10.60 -30.44
CA TYR A 163 -16.36 10.12 -29.20
C TYR A 163 -15.35 9.42 -28.28
N ARG A 164 -14.47 8.60 -28.83
CA ARG A 164 -13.55 7.86 -27.98
C ARG A 164 -12.37 8.75 -27.57
N HIS A 165 -12.39 10.02 -27.97
CA HIS A 165 -11.30 10.98 -27.75
C HIS A 165 -11.80 12.18 -26.97
N ILE A 166 -12.87 11.98 -26.21
CA ILE A 166 -13.28 12.93 -25.20
C ILE A 166 -13.58 12.10 -23.97
N THR A 167 -13.55 12.78 -22.82
CA THR A 167 -13.81 12.11 -21.54
C THR A 167 -15.01 12.77 -20.91
N ILE A 168 -16.10 12.03 -20.79
CA ILE A 168 -17.36 12.64 -20.39
C ILE A 168 -17.56 12.48 -18.90
N ARG A 169 -17.89 13.58 -18.22
CA ARG A 169 -18.20 13.49 -16.79
C ARG A 169 -19.43 14.32 -16.54
N ASN A 170 -20.26 13.88 -15.59
CA ASN A 170 -21.41 14.69 -15.21
C ASN A 170 -20.99 15.92 -14.39
N ALA A 171 -21.91 16.86 -14.20
CA ALA A 171 -21.55 18.09 -13.52
C ALA A 171 -21.08 17.87 -12.08
N LYS A 172 -21.67 16.89 -11.39
CA LYS A 172 -21.23 16.64 -10.00
C LYS A 172 -19.78 16.20 -9.98
N THR A 173 -19.41 15.37 -10.96
CA THR A 173 -18.05 14.87 -11.03
C THR A 173 -17.06 15.94 -11.53
N PHE A 174 -17.51 16.76 -12.47
CA PHE A 174 -16.74 17.94 -12.84
C PHE A 174 -16.37 18.76 -11.58
N ASP A 175 -17.35 19.00 -10.70
N ASP A 175 -17.38 19.01 -10.74
CA ASP A 175 -17.03 19.73 -9.46
CA ASP A 175 -17.20 19.78 -9.52
C ASP A 175 -16.04 18.97 -8.58
C ASP A 175 -16.15 19.12 -8.60
N LYS A 176 -16.24 17.67 -8.45
N LYS A 176 -16.25 17.80 -8.45
CA LYS A 176 -15.34 16.83 -7.65
CA LYS A 176 -15.29 17.08 -7.61
C LYS A 176 -13.91 16.89 -8.17
C LYS A 176 -13.87 17.09 -8.17
N ILE A 177 -13.75 16.97 -9.49
CA ILE A 177 -12.43 17.07 -10.11
C ILE A 177 -11.74 18.37 -9.68
N GLY A 178 -12.47 19.48 -9.73
CA GLY A 178 -11.93 20.74 -9.23
C GLY A 178 -11.55 20.70 -7.76
N GLN A 179 -12.41 20.11 -6.93
CA GLN A 179 -12.12 19.97 -5.49
C GLN A 179 -10.87 19.11 -5.26
N LEU A 181 -8.36 18.71 -7.31
CA LEU A 181 -7.23 19.50 -7.79
C LEU A 181 -6.78 20.55 -6.77
N LYS A 182 -7.72 21.06 -5.99
CA LYS A 182 -7.50 22.13 -5.02
C LYS A 182 -7.01 21.62 -3.67
N LYS A 183 -7.23 20.35 -3.40
CA LYS A 183 -6.79 19.73 -2.13
C LYS A 183 -5.31 19.99 -1.87
N ALA B 3 -3.99 11.92 17.91
CA ALA B 3 -4.55 11.52 19.23
C ALA B 3 -5.28 10.17 19.10
N THR B 5 -8.04 7.78 18.88
CA THR B 5 -9.38 8.04 18.33
C THR B 5 -10.12 6.71 18.30
N ARG B 6 -11.39 6.72 18.71
CA ARG B 6 -12.23 5.54 18.63
C ARG B 6 -13.02 5.50 17.34
N TYR B 7 -13.08 4.30 16.76
CA TYR B 7 -13.74 4.04 15.48
C TYR B 7 -14.76 2.92 15.58
N ALA B 8 -15.75 3.00 14.70
CA ALA B 8 -16.68 1.90 14.44
C ALA B 8 -16.42 1.39 13.04
N LEU B 9 -16.32 0.06 12.94
CA LEU B 9 -16.05 -0.64 11.70
C LEU B 9 -17.25 -1.52 11.43
N LEU B 10 -17.99 -1.25 10.36
CA LEU B 10 -19.23 -1.96 10.10
C LEU B 10 -19.11 -2.67 8.77
N VAL B 11 -19.54 -3.93 8.71
CA VAL B 11 -19.49 -4.71 7.47
C VAL B 11 -20.86 -5.27 7.12
N ARG B 12 -21.06 -5.73 5.89
CA ARG B 12 -22.33 -6.31 5.48
C ARG B 12 -22.12 -7.71 4.97
N GLY B 13 -23.21 -8.45 4.90
CA GLY B 13 -23.23 -9.75 4.22
C GLY B 13 -22.51 -10.88 4.90
N ILE B 14 -22.18 -10.73 6.19
CA ILE B 14 -21.48 -11.78 6.93
C ILE B 14 -22.41 -12.65 7.79
N ASN B 15 -21.98 -13.87 8.07
CA ASN B 15 -22.72 -14.75 8.98
C ASN B 15 -24.17 -14.97 8.58
N VAL B 16 -24.38 -15.10 7.26
CA VAL B 16 -25.71 -15.43 6.70
C VAL B 16 -25.54 -16.33 5.50
N GLY B 17 -26.60 -17.05 5.16
CA GLY B 17 -26.61 -17.87 3.94
C GLY B 17 -25.67 -19.06 3.94
N GLY B 18 -25.23 -19.48 5.14
CA GLY B 18 -24.31 -20.58 5.29
C GLY B 18 -22.87 -20.33 4.84
N LYS B 19 -22.49 -19.07 4.66
N LYS B 19 -22.56 -19.04 4.69
CA LYS B 19 -21.08 -18.79 4.38
CA LYS B 19 -21.28 -18.60 4.14
C LYS B 19 -20.71 -17.43 4.95
C LYS B 19 -20.77 -17.37 4.88
N ASN B 20 -19.59 -16.89 4.48
CA ASN B 20 -19.08 -15.60 4.95
C ASN B 20 -19.01 -15.55 6.47
N LYS B 21 -18.47 -16.63 7.04
CA LYS B 21 -18.42 -16.79 8.49
C LYS B 21 -17.30 -15.95 9.08
N VAL B 22 -17.67 -15.19 10.10
CA VAL B 22 -16.71 -14.43 10.90
C VAL B 22 -17.05 -14.71 12.35
N VAL B 23 -16.08 -15.28 13.08
CA VAL B 23 -16.28 -15.53 14.50
C VAL B 23 -15.79 -14.27 15.21
N ALA B 25 -14.97 -13.40 18.26
CA ALA B 25 -13.81 -13.51 19.15
C ALA B 25 -12.53 -13.61 18.34
N GLU B 26 -12.58 -14.31 17.21
CA GLU B 26 -11.41 -14.43 16.35
C GLU B 26 -11.07 -13.09 15.72
N LEU B 27 -12.08 -12.40 15.19
CA LEU B 27 -11.83 -11.13 14.55
C LEU B 27 -11.29 -10.13 15.55
N ARG B 28 -11.85 -10.09 16.75
CA ARG B 28 -11.32 -9.15 17.73
C ARG B 28 -9.85 -9.46 18.01
N GLN B 29 -9.52 -10.74 18.15
CA GLN B 29 -8.13 -11.12 18.38
C GLN B 29 -7.22 -10.73 17.20
N GLU B 30 -7.68 -10.95 15.97
CA GLU B 30 -6.91 -10.59 14.80
C GLU B 30 -6.63 -9.09 14.76
N LEU B 31 -7.67 -8.29 14.95
CA LEU B 31 -7.46 -6.85 14.95
C LEU B 31 -6.56 -6.35 16.08
N THR B 32 -6.65 -6.98 17.25
CA THR B 32 -5.72 -6.71 18.36
C THR B 32 -4.30 -7.07 17.91
N ASN B 33 -4.15 -8.19 17.23
CA ASN B 33 -2.82 -8.59 16.76
C ASN B 33 -2.26 -7.70 15.65
N LEU B 34 -3.13 -7.00 14.96
CA LEU B 34 -2.70 -5.99 13.99
C LEU B 34 -2.35 -4.67 14.65
N GLY B 35 -2.55 -4.58 15.96
CA GLY B 35 -2.14 -3.37 16.69
C GLY B 35 -3.26 -2.41 17.03
N LEU B 36 -4.51 -2.79 16.74
CA LEU B 36 -5.64 -1.95 17.12
C LEU B 36 -5.96 -2.19 18.58
N GLU B 37 -6.42 -1.16 19.29
CA GLU B 37 -6.60 -1.26 20.74
C GLU B 37 -8.04 -1.28 21.20
N LYS B 38 -8.26 -1.84 22.40
CA LYS B 38 -9.57 -1.84 23.07
C LYS B 38 -10.66 -2.32 22.08
N VAL B 39 -10.39 -3.45 21.43
CA VAL B 39 -11.28 -3.96 20.40
C VAL B 39 -12.51 -4.63 20.99
N GLU B 40 -13.69 -4.19 20.54
CA GLU B 40 -14.97 -4.71 21.05
C GLU B 40 -15.89 -4.98 19.87
N SER B 41 -16.96 -5.72 20.09
CA SER B 41 -17.95 -5.96 19.05
C SER B 41 -19.36 -5.97 19.61
N TYR B 42 -20.33 -5.81 18.71
CA TYR B 42 -21.74 -5.84 19.07
C TYR B 42 -22.47 -6.77 18.08
N ILE B 43 -23.26 -7.68 18.64
CA ILE B 43 -23.99 -8.70 17.89
C ILE B 43 -23.08 -9.42 16.89
N ASN B 44 -23.65 -9.96 15.81
CA ASN B 44 -22.89 -10.85 14.94
C ASN B 44 -22.91 -10.40 13.48
N SER B 45 -23.49 -9.25 13.20
CA SER B 45 -23.55 -8.77 11.84
C SER B 45 -22.35 -7.96 11.37
N GLY B 46 -21.40 -7.68 12.26
CA GLY B 46 -20.18 -6.99 11.89
C GLY B 46 -20.19 -5.54 12.35
N ASN B 47 -20.18 -5.36 13.67
CA ASN B 47 -20.06 -4.06 14.30
C ASN B 47 -18.89 -4.15 15.26
N ILE B 48 -17.78 -3.56 14.86
N ILE B 48 -17.76 -3.58 14.85
CA ILE B 48 -16.55 -3.68 15.61
CA ILE B 48 -16.49 -3.67 15.57
C ILE B 48 -16.17 -2.27 16.04
C ILE B 48 -16.06 -2.28 15.98
N PHE B 49 -15.52 -2.15 17.19
CA PHE B 49 -15.08 -0.87 17.71
C PHE B 49 -13.65 -1.00 18.16
N PHE B 50 -12.84 0.02 17.88
CA PHE B 50 -11.43 -0.04 18.26
C PHE B 50 -10.86 1.36 18.39
N THR B 51 -9.71 1.45 19.04
CA THR B 51 -9.05 2.73 19.24
C THR B 51 -7.67 2.70 18.60
N SER B 52 -7.28 3.81 17.98
CA SER B 52 -5.96 3.87 17.35
C SER B 52 -5.47 5.29 17.18
N ILE B 53 -4.14 5.45 17.14
CA ILE B 53 -3.53 6.75 16.82
C ILE B 53 -3.25 6.90 15.32
N ASP B 54 -3.38 5.81 14.57
CA ASP B 54 -3.06 5.82 13.15
C ASP B 54 -4.03 6.72 12.38
N SER B 55 -3.58 7.27 11.26
CA SER B 55 -4.47 8.11 10.45
C SER B 55 -5.60 7.28 9.86
N LYS B 56 -6.69 7.94 9.53
CA LYS B 56 -7.81 7.24 8.91
C LYS B 56 -7.35 6.52 7.64
N ALA B 57 -6.56 7.19 6.80
CA ALA B 57 -6.06 6.59 5.57
C ALA B 57 -5.24 5.32 5.84
N GLN B 58 -4.40 5.37 6.86
CA GLN B 58 -3.61 4.22 7.29
C GLN B 58 -4.52 3.06 7.74
N LEU B 59 -5.57 3.38 8.48
CA LEU B 59 -6.48 2.36 8.99
C LEU B 59 -7.27 1.72 7.87
N VAL B 60 -7.73 2.54 6.94
CA VAL B 60 -8.44 1.99 5.77
C VAL B 60 -7.56 1.03 4.99
N GLU B 61 -6.31 1.39 4.76
CA GLU B 61 -5.42 0.55 4.00
C GLU B 61 -5.10 -0.75 4.76
N LYS B 62 -4.86 -0.63 6.07
CA LYS B 62 -4.61 -1.79 6.94
C LYS B 62 -5.76 -2.77 6.88
N LEU B 63 -6.98 -2.25 7.02
CA LEU B 63 -8.16 -3.11 7.03
C LEU B 63 -8.45 -3.71 5.66
N GLU B 64 -8.29 -2.93 4.59
CA GLU B 64 -8.51 -3.45 3.23
C GLU B 64 -7.55 -4.59 2.94
N THR B 65 -6.30 -4.40 3.31
CA THR B 65 -5.27 -5.42 3.08
C THR B 65 -5.58 -6.66 3.90
N PHE B 66 -5.96 -6.48 5.16
CA PHE B 66 -6.33 -7.59 6.03
C PHE B 66 -7.53 -8.37 5.49
N PHE B 67 -8.62 -7.68 5.15
CA PHE B 67 -9.78 -8.41 4.65
C PHE B 67 -9.48 -9.13 3.33
N ALA B 68 -8.71 -8.50 2.44
CA ALA B 68 -8.46 -9.10 1.12
C ALA B 68 -7.78 -10.44 1.25
N VAL B 69 -6.92 -10.57 2.26
CA VAL B 69 -6.22 -11.83 2.54
C VAL B 69 -7.03 -12.80 3.38
N HIS B 70 -7.65 -12.31 4.46
CA HIS B 70 -8.24 -13.21 5.48
C HIS B 70 -9.75 -13.36 5.47
N TYR B 71 -10.46 -12.38 4.91
CA TYR B 71 -11.94 -12.45 4.79
C TYR B 71 -12.31 -11.83 3.47
N PRO B 72 -11.93 -12.48 2.36
CA PRO B 72 -12.08 -11.81 1.06
C PRO B 72 -13.52 -11.49 0.62
N PHE B 73 -14.52 -12.06 1.27
CA PHE B 73 -15.92 -11.75 1.04
C PHE B 73 -16.33 -10.42 1.69
N ILE B 74 -15.47 -9.83 2.51
CA ILE B 74 -15.73 -8.49 3.05
C ILE B 74 -15.12 -7.54 2.06
N GLN B 75 -15.92 -7.05 1.12
N GLN B 75 -15.98 -7.02 1.19
CA GLN B 75 -15.38 -6.25 0.02
CA GLN B 75 -15.58 -6.24 0.02
C GLN B 75 -15.55 -4.76 0.22
C GLN B 75 -15.99 -4.77 0.09
N SER B 76 -16.44 -4.40 1.13
N SER B 76 -16.66 -4.40 1.18
CA SER B 76 -16.64 -3.02 1.51
CA SER B 76 -16.98 -3.01 1.48
C SER B 76 -16.75 -2.97 3.02
C SER B 76 -17.06 -2.89 3.00
N PHE B 77 -16.60 -1.77 3.56
CA PHE B 77 -16.84 -1.54 4.98
C PHE B 77 -17.03 -0.08 5.25
N SER B 78 -17.74 0.19 6.33
CA SER B 78 -17.85 1.55 6.87
C SER B 78 -16.86 1.73 7.99
N LEU B 79 -16.18 2.87 8.04
CA LEU B 79 -15.23 3.16 9.11
C LEU B 79 -15.44 4.61 9.47
N LEU B 80 -15.85 4.82 10.71
CA LEU B 80 -16.22 6.17 11.16
C LEU B 80 -15.78 6.40 12.58
N SER B 81 -15.44 7.65 12.90
CA SER B 81 -14.91 7.99 14.20
C SER B 81 -16.02 8.46 15.13
N LEU B 82 -15.69 8.53 16.42
CA LEU B 82 -16.58 9.14 17.39
C LEU B 82 -16.97 10.56 16.96
N GLU B 83 -15.98 11.34 16.55
N GLU B 83 -15.96 11.36 16.56
CA GLU B 83 -16.24 12.72 16.11
CA GLU B 83 -16.20 12.73 16.08
C GLU B 83 -17.19 12.79 14.91
C GLU B 83 -17.20 12.78 14.92
N ASP B 84 -17.02 11.87 13.95
CA ASP B 84 -17.94 11.77 12.80
C ASP B 84 -19.37 11.52 13.29
N PHE B 85 -19.50 10.59 14.24
CA PHE B 85 -20.81 10.20 14.72
C PHE B 85 -21.47 11.32 15.49
N GLU B 86 -20.70 11.96 16.35
CA GLU B 86 -21.21 13.12 17.09
C GLU B 86 -21.70 14.21 16.17
N ALA B 87 -20.97 14.47 15.07
CA ALA B 87 -21.42 15.46 14.07
C ALA B 87 -22.75 15.04 13.43
N GLU B 88 -22.91 13.74 13.17
CA GLU B 88 -24.19 13.26 12.65
C GLU B 88 -25.31 13.47 13.69
N LEU B 89 -25.00 13.26 14.96
CA LEU B 89 -25.99 13.37 16.05
C LEU B 89 -26.48 14.81 16.26
N GLU B 90 -25.76 15.79 15.71
N GLU B 90 -25.73 15.77 15.69
CA GLU B 90 -26.21 17.19 15.85
CA GLU B 90 -26.08 17.19 15.77
C GLU B 90 -27.28 17.53 14.80
C GLU B 90 -27.12 17.59 14.70
N ASN B 91 -27.47 16.63 13.83
CA ASN B 91 -28.39 16.87 12.74
C ASN B 91 -29.37 15.70 12.49
N LEU B 92 -29.87 15.12 13.56
CA LEU B 92 -30.82 14.04 13.42
C LEU B 92 -32.15 14.60 12.96
N PRO B 93 -32.80 13.91 12.03
CA PRO B 93 -34.14 14.37 11.66
C PRO B 93 -35.08 14.37 12.87
N ALA B 94 -36.05 15.27 12.89
CA ALA B 94 -36.96 15.38 14.03
C ALA B 94 -37.80 14.10 14.12
N TRP B 95 -38.02 13.42 13.02
CA TRP B 95 -38.83 12.22 13.00
C TRP B 95 -38.10 10.98 13.53
N TRP B 96 -36.78 11.10 13.70
CA TRP B 96 -35.99 9.95 14.12
C TRP B 96 -36.34 9.47 15.54
N SER B 97 -36.81 10.36 16.43
CA SER B 97 -37.23 9.89 17.75
C SER B 97 -38.67 9.41 17.85
N ARG B 98 -39.40 9.55 16.76
CA ARG B 98 -40.82 9.23 16.79
C ARG B 98 -41.10 7.75 16.59
N ASP B 99 -42.32 7.34 16.88
CA ASP B 99 -42.63 5.90 16.90
C ASP B 99 -43.04 5.35 15.55
N LEU B 100 -42.15 5.52 14.57
CA LEU B 100 -42.37 5.00 13.23
C LEU B 100 -42.27 3.49 13.26
N ALA B 101 -42.96 2.84 12.31
CA ALA B 101 -42.94 1.37 12.26
C ALA B 101 -41.51 0.85 12.09
N ARG B 102 -40.72 1.46 11.19
CA ARG B 102 -39.34 1.02 10.98
C ARG B 102 -38.44 2.21 10.71
N LYS B 103 -37.25 2.23 11.31
CA LYS B 103 -36.25 3.29 11.10
C LYS B 103 -34.93 2.62 10.86
N ASP B 104 -34.32 2.89 9.72
CA ASP B 104 -33.03 2.30 9.35
C ASP B 104 -32.06 3.39 8.95
N PHE B 105 -30.78 3.07 9.12
CA PHE B 105 -29.74 3.97 8.63
C PHE B 105 -28.89 3.19 7.64
N LEU B 106 -28.69 3.79 6.48
CA LEU B 106 -27.85 3.17 5.43
C LEU B 106 -26.51 3.84 5.50
N PHE B 107 -25.54 3.15 6.11
CA PHE B 107 -24.22 3.74 6.24
C PHE B 107 -23.43 3.64 4.94
N TYR B 108 -22.80 4.74 4.53
CA TYR B 108 -21.92 4.71 3.40
C TYR B 108 -20.67 3.92 3.76
N THR B 109 -19.97 3.44 2.73
CA THR B 109 -18.73 2.66 2.93
C THR B 109 -17.56 3.42 2.32
N GLU B 110 -16.36 3.01 2.73
CA GLU B 110 -15.15 3.65 2.20
C GLU B 110 -15.07 3.46 0.70
N GLY B 111 -14.83 4.56 -0.02
CA GLY B 111 -14.74 4.54 -1.47
C GLY B 111 -16.06 4.59 -2.23
N LEU B 112 -17.18 4.54 -1.51
CA LEU B 112 -18.48 4.54 -2.16
C LEU B 112 -18.65 5.80 -3.03
N ASP B 113 -19.21 5.61 -4.22
CA ASP B 113 -19.62 6.74 -5.05
C ASP B 113 -20.93 7.30 -4.49
N VAL B 114 -20.77 8.19 -3.51
CA VAL B 114 -21.92 8.77 -2.82
C VAL B 114 -22.80 9.63 -3.73
N ASP B 115 -22.20 10.39 -4.65
CA ASP B 115 -23.02 11.14 -5.59
C ASP B 115 -23.95 10.26 -6.40
N GLN B 116 -23.45 9.12 -6.87
N GLN B 116 -23.47 9.10 -6.86
CA GLN B 116 -24.25 8.11 -7.56
CA GLN B 116 -24.35 8.19 -7.58
C GLN B 116 -25.40 7.64 -6.67
C GLN B 116 -25.41 7.53 -6.68
N VAL B 117 -25.06 7.24 -5.44
CA VAL B 117 -26.05 6.73 -4.50
C VAL B 117 -27.16 7.73 -4.31
N ILE B 118 -26.79 8.99 -4.13
CA ILE B 118 -27.77 10.03 -3.88
C ILE B 118 -28.69 10.17 -5.10
N ALA B 119 -28.12 10.22 -6.32
CA ALA B 119 -28.95 10.33 -7.52
C ALA B 119 -29.90 9.14 -7.70
N THR B 120 -29.43 7.94 -7.43
CA THR B 120 -30.24 6.76 -7.53
C THR B 120 -31.40 6.80 -6.51
N VAL B 121 -31.06 7.10 -5.25
CA VAL B 121 -32.11 7.15 -4.21
C VAL B 121 -33.14 8.24 -4.51
N GLU B 122 -32.68 9.39 -4.98
CA GLU B 122 -33.59 10.50 -5.32
C GLU B 122 -34.52 10.17 -6.47
N SER B 123 -34.13 9.22 -7.30
CA SER B 123 -34.95 8.78 -8.45
C SER B 123 -36.12 7.88 -8.03
N LEU B 124 -36.08 7.34 -6.81
CA LEU B 124 -37.13 6.43 -6.37
C LEU B 124 -38.40 7.18 -6.00
N GLU B 125 -39.55 6.61 -6.32
CA GLU B 125 -40.80 7.26 -5.92
C GLU B 125 -41.22 6.80 -4.53
N LEU B 126 -41.01 7.69 -3.57
CA LEU B 126 -41.32 7.40 -2.18
C LEU B 126 -42.81 7.41 -1.95
N LYS B 127 -43.24 6.55 -1.01
CA LYS B 127 -44.64 6.47 -0.63
C LYS B 127 -44.71 6.79 0.87
N ASP B 128 -45.08 5.85 1.73
CA ASP B 128 -45.33 6.21 3.13
C ASP B 128 -44.04 6.09 3.96
N GLU B 129 -43.14 7.01 3.67
CA GLU B 129 -41.79 6.93 4.18
C GLU B 129 -41.13 8.28 4.01
N VAL B 130 -40.00 8.44 4.68
N VAL B 130 -40.05 8.49 4.74
CA VAL B 130 -39.26 9.69 4.67
CA VAL B 130 -39.24 9.71 4.63
C VAL B 130 -37.76 9.37 4.76
C VAL B 130 -37.78 9.32 4.69
N LEU B 131 -36.93 10.09 4.03
CA LEU B 131 -35.50 9.85 4.11
C LEU B 131 -34.80 11.16 4.14
N TYR B 132 -33.60 11.14 4.72
CA TYR B 132 -32.79 12.35 4.86
C TYR B 132 -31.36 11.94 4.63
N PHE B 133 -30.68 12.69 3.76
CA PHE B 133 -29.26 12.39 3.46
C PHE B 133 -28.36 13.05 4.48
N GLY B 134 -27.75 12.22 5.33
CA GLY B 134 -26.83 12.71 6.37
C GLY B 134 -25.41 12.70 5.86
N LYS B 135 -24.45 12.95 6.74
CA LYS B 135 -23.05 12.93 6.29
C LYS B 135 -22.52 11.50 6.13
N LEU B 136 -22.94 10.62 7.04
CA LEU B 136 -22.41 9.26 7.08
C LEU B 136 -23.30 8.24 6.37
N GLY B 137 -24.46 8.68 5.95
CA GLY B 137 -25.39 7.77 5.31
C GLY B 137 -26.77 8.37 5.28
N ILE B 138 -27.76 7.50 5.09
CA ILE B 138 -29.12 7.93 4.82
C ILE B 138 -30.01 7.46 5.96
N PHE B 139 -30.74 8.40 6.58
CA PHE B 139 -31.76 8.03 7.56
C PHE B 139 -33.03 7.70 6.76
N TRP B 140 -33.72 6.58 7.01
CA TRP B 140 -34.88 6.23 6.19
C TRP B 140 -35.93 5.59 7.07
N GLY B 141 -37.03 6.32 7.24
CA GLY B 141 -38.10 5.90 8.13
C GLY B 141 -39.32 5.47 7.33
N LYS B 142 -40.00 4.42 7.77
CA LYS B 142 -41.22 3.93 7.14
C LYS B 142 -42.29 4.06 8.22
N PHE B 143 -43.36 4.79 7.93
CA PHE B 143 -44.28 5.18 9.01
C PHE B 143 -45.10 4.06 9.56
N SER B 144 -45.60 3.17 8.71
CA SER B 144 -46.70 2.29 9.12
C SER B 144 -46.58 0.87 8.65
N GLU B 145 -46.91 -0.06 9.52
CA GLU B 145 -46.94 -1.45 9.18
C GLU B 145 -47.91 -1.71 8.01
N GLU B 146 -49.01 -1.00 7.99
CA GLU B 146 -50.07 -1.24 7.00
C GLU B 146 -49.63 -0.84 5.60
N SER B 147 -48.74 0.14 5.50
CA SER B 147 -48.32 0.66 4.20
C SER B 147 -46.88 0.26 3.84
N TYR B 148 -46.21 -0.44 4.74
CA TYR B 148 -44.81 -0.80 4.54
C TYR B 148 -44.55 -1.50 3.20
N SER B 149 -45.42 -2.42 2.83
CA SER B 149 -45.16 -3.21 1.62
C SER B 149 -45.25 -2.39 0.33
N LYS B 150 -45.75 -1.16 0.40
CA LYS B 150 -45.83 -0.28 -0.77
C LYS B 150 -44.68 0.73 -0.82
N THR B 151 -43.81 0.71 0.20
CA THR B 151 -42.73 1.71 0.24
C THR B 151 -41.67 1.41 -0.77
N ALA B 152 -40.97 2.44 -1.22
CA ALA B 152 -39.79 2.27 -2.06
C ALA B 152 -38.70 1.49 -1.32
N TYR B 153 -38.60 1.68 -0.01
CA TYR B 153 -37.63 0.93 0.77
C TYR B 153 -37.84 -0.55 0.57
N HIS B 154 -39.08 -1.00 0.69
CA HIS B 154 -39.40 -2.42 0.55
C HIS B 154 -39.31 -2.91 -0.91
N LYS B 155 -39.85 -2.10 -1.83
CA LYS B 155 -40.06 -2.57 -3.19
C LYS B 155 -38.82 -2.42 -4.07
N TYR B 156 -37.97 -1.42 -3.79
CA TYR B 156 -36.91 -1.06 -4.73
C TYR B 156 -35.48 -1.13 -4.23
N LEU B 157 -35.26 -1.17 -2.93
CA LEU B 157 -33.88 -1.10 -2.45
C LEU B 157 -33.01 -2.23 -2.99
N LEU B 158 -33.57 -3.43 -3.09
CA LEU B 158 -32.79 -4.56 -3.58
C LEU B 158 -32.38 -4.40 -5.05
N LYS B 159 -33.03 -3.51 -5.78
CA LYS B 159 -32.71 -3.29 -7.19
C LYS B 159 -31.50 -2.42 -7.45
N VAL B 160 -31.08 -1.63 -6.46
CA VAL B 160 -30.07 -0.61 -6.70
C VAL B 160 -28.69 -1.25 -6.86
N PRO B 161 -27.86 -0.73 -7.78
CA PRO B 161 -26.53 -1.27 -8.01
C PRO B 161 -25.64 -1.17 -6.77
N PHE B 162 -25.95 -0.22 -5.88
CA PHE B 162 -25.14 0.07 -4.68
C PHE B 162 -25.42 -0.83 -3.48
N TYR B 163 -26.41 -1.71 -3.64
CA TYR B 163 -26.95 -2.43 -2.49
C TYR B 163 -25.91 -3.13 -1.64
N ARG B 164 -24.96 -3.82 -2.29
CA ARG B 164 -23.96 -4.58 -1.56
C ARG B 164 -22.82 -3.72 -1.01
N HIS B 165 -22.93 -2.41 -1.19
CA HIS B 165 -21.85 -1.45 -0.88
C HIS B 165 -22.28 -0.45 0.15
N ILE B 166 -23.37 -0.75 0.84
CA ILE B 166 -23.80 0.07 1.97
C ILE B 166 -24.01 -0.86 3.12
N THR B 167 -23.99 -0.35 4.34
N THR B 167 -23.93 -0.34 4.34
CA THR B 167 -24.20 -1.25 5.46
CA THR B 167 -24.14 -1.18 5.52
C THR B 167 -25.36 -0.79 6.34
C THR B 167 -25.42 -0.70 6.18
N ILE B 168 -26.42 -1.58 6.27
CA ILE B 168 -27.72 -1.16 6.78
C ILE B 168 -27.88 -1.61 8.22
N ARG B 169 -28.31 -0.68 9.06
CA ARG B 169 -28.55 -0.98 10.48
C ARG B 169 -29.87 -0.36 10.90
N ASN B 170 -30.59 -0.99 11.80
CA ASN B 170 -31.79 -0.36 12.34
C ASN B 170 -31.44 0.73 13.36
N ALA B 171 -32.45 1.48 13.79
CA ALA B 171 -32.21 2.61 14.69
C ALA B 171 -31.64 2.18 16.04
N LYS B 172 -32.05 1.01 16.51
CA LYS B 172 -31.51 0.49 17.75
C LYS B 172 -30.00 0.27 17.65
N THR B 173 -29.56 -0.37 16.59
CA THR B 173 -28.13 -0.58 16.39
C THR B 173 -27.38 0.73 16.11
N PHE B 174 -28.00 1.63 15.34
CA PHE B 174 -27.43 2.97 15.16
C PHE B 174 -27.13 3.62 16.54
N ASP B 175 -28.11 3.60 17.44
N ASP B 175 -28.10 3.61 17.45
CA ASP B 175 -27.93 4.15 18.79
CA ASP B 175 -27.89 4.19 18.76
C ASP B 175 -26.78 3.47 19.53
C ASP B 175 -26.79 3.47 19.54
N LYS B 176 -26.74 2.15 19.43
CA LYS B 176 -25.70 1.36 20.12
C LYS B 176 -24.31 1.69 19.59
N ILE B 177 -24.21 1.89 18.26
CA ILE B 177 -22.94 2.30 17.66
C ILE B 177 -22.44 3.58 18.34
N GLY B 178 -23.33 4.57 18.48
CA GLY B 178 -22.93 5.81 19.19
C GLY B 178 -22.46 5.57 20.60
N GLN B 179 -23.11 4.68 21.34
N GLN B 179 -23.15 4.69 21.32
CA GLN B 179 -22.69 4.44 22.74
CA GLN B 179 -22.79 4.34 22.70
C GLN B 179 -21.39 3.65 22.82
C GLN B 179 -21.39 3.73 22.75
N LEU B 181 -19.01 3.91 20.63
CA LEU B 181 -17.96 4.88 20.26
C LEU B 181 -17.49 5.70 21.47
N LYS B 182 -18.41 5.87 22.43
N LYS B 182 -18.36 5.70 22.48
CA LYS B 182 -18.26 6.70 23.65
CA LYS B 182 -18.12 5.97 23.92
C LYS B 182 -18.51 8.17 23.36
C LYS B 182 -18.62 7.33 24.34
N ALA C 3 40.45 -2.79 7.90
CA ALA C 3 41.33 -2.44 6.74
C ALA C 3 40.56 -1.54 5.78
N THR C 5 38.67 -0.28 2.88
CA THR C 5 37.85 -1.01 1.93
C THR C 5 37.23 0.01 0.97
N ARG C 6 37.21 -0.33 -0.33
CA ARG C 6 36.52 0.48 -1.33
C ARG C 6 35.10 -0.03 -1.57
N TYR C 7 34.19 0.94 -1.70
CA TYR C 7 32.75 0.69 -1.84
C TYR C 7 32.19 1.41 -3.03
N ALA C 8 31.12 0.83 -3.58
CA ALA C 8 30.26 1.49 -4.56
C ALA C 8 28.92 1.76 -3.86
N LEU C 9 28.46 3.00 -3.96
CA LEU C 9 27.20 3.47 -3.40
C LEU C 9 26.30 3.87 -4.57
N LEU C 10 25.22 3.13 -4.80
CA LEU C 10 24.39 3.34 -5.99
C LEU C 10 23.02 3.77 -5.49
N VAL C 11 22.45 4.79 -6.12
CA VAL C 11 21.13 5.28 -5.74
C VAL C 11 20.20 5.29 -6.94
N ARG C 12 18.90 5.21 -6.68
CA ARG C 12 17.89 5.25 -7.75
C ARG C 12 17.07 6.52 -7.70
N GLY C 13 16.45 6.84 -8.83
CA GLY C 13 15.43 7.88 -8.87
C GLY C 13 15.90 9.32 -8.82
N ILE C 14 17.19 9.54 -8.98
CA ILE C 14 17.72 10.90 -8.97
C ILE C 14 17.95 11.49 -10.36
N ASN C 15 17.96 12.82 -10.42
CA ASN C 15 18.31 13.55 -11.64
C ASN C 15 17.46 13.13 -12.84
N VAL C 16 16.16 13.00 -12.57
CA VAL C 16 15.16 12.68 -13.60
C VAL C 16 13.88 13.46 -13.34
N GLY C 17 13.08 13.65 -14.38
CA GLY C 17 11.76 14.29 -14.23
C GLY C 17 11.79 15.71 -13.71
N GLY C 18 12.95 16.37 -13.84
CA GLY C 18 13.14 17.71 -13.35
C GLY C 18 13.16 17.83 -11.83
N LYS C 19 13.32 16.72 -11.12
N LYS C 19 13.31 16.66 -11.19
CA LYS C 19 13.41 16.85 -9.66
CA LYS C 19 13.21 16.48 -9.74
C LYS C 19 14.54 15.96 -9.15
C LYS C 19 14.38 15.68 -9.17
N ASN C 20 14.54 15.74 -7.85
CA ASN C 20 15.52 14.86 -7.17
C ASN C 20 16.94 15.16 -7.64
N LYS C 21 17.28 16.44 -7.62
CA LYS C 21 18.54 16.89 -8.15
C LYS C 21 19.68 16.66 -7.18
N VAL C 22 20.74 16.08 -7.74
CA VAL C 22 21.99 15.87 -7.02
C VAL C 22 23.10 16.27 -7.97
N VAL C 23 23.92 17.22 -7.54
CA VAL C 23 25.09 17.65 -8.33
C VAL C 23 26.24 16.77 -7.87
N ALA C 25 29.48 16.82 -8.21
CA ALA C 25 30.59 17.51 -7.57
C ALA C 25 30.25 17.88 -6.13
N GLU C 26 29.00 18.27 -5.86
CA GLU C 26 28.61 18.63 -4.50
C GLU C 26 28.57 17.39 -3.63
N LEU C 27 27.95 16.32 -4.13
CA LEU C 27 27.86 15.10 -3.34
C LEU C 27 29.26 14.55 -3.03
N ARG C 28 30.17 14.56 -4.01
CA ARG C 28 31.53 14.07 -3.72
C ARG C 28 32.16 14.91 -2.61
N GLN C 29 31.96 16.22 -2.68
CA GLN C 29 32.54 17.10 -1.67
C GLN C 29 31.91 16.83 -0.30
N GLU C 30 30.59 16.64 -0.26
CA GLU C 30 29.90 16.35 0.99
C GLU C 30 30.43 15.08 1.62
N LEU C 31 30.55 14.03 0.83
CA LEU C 31 31.01 12.77 1.40
C LEU C 31 32.45 12.84 1.83
N THR C 32 33.29 13.57 1.08
CA THR C 32 34.65 13.84 1.53
C THR C 32 34.65 14.58 2.88
N ASN C 33 33.74 15.53 2.99
CA ASN C 33 33.68 16.32 4.20
C ASN C 33 33.17 15.50 5.38
N LEU C 34 32.44 14.43 5.12
CA LEU C 34 32.02 13.50 6.19
C LEU C 34 33.10 12.50 6.53
N GLY C 35 34.23 12.53 5.84
CA GLY C 35 35.37 11.68 6.20
C GLY C 35 35.55 10.46 5.32
N LEU C 36 34.78 10.34 4.25
CA LEU C 36 35.01 9.25 3.30
C LEU C 36 36.15 9.64 2.38
N GLU C 37 36.95 8.67 1.96
CA GLU C 37 38.18 9.01 1.25
C GLU C 37 38.12 8.61 -0.20
N LYS C 38 38.92 9.30 -1.02
CA LYS C 38 39.09 8.97 -2.41
C LYS C 38 37.73 8.84 -3.10
N VAL C 39 36.91 9.87 -2.94
CA VAL C 39 35.52 9.85 -3.43
C VAL C 39 35.47 10.19 -4.89
N GLU C 40 34.86 9.30 -5.67
CA GLU C 40 34.71 9.48 -7.11
C GLU C 40 33.28 9.17 -7.52
N SER C 41 32.93 9.54 -8.73
CA SER C 41 31.61 9.18 -9.27
C SER C 41 31.68 8.90 -10.75
N TYR C 42 30.60 8.28 -11.25
CA TYR C 42 30.47 7.96 -12.66
C TYR C 42 29.08 8.39 -13.10
N ILE C 43 29.06 9.10 -14.22
CA ILE C 43 27.84 9.66 -14.83
C ILE C 43 26.96 10.38 -13.80
N ASN C 44 25.65 10.45 -14.04
CA ASN C 44 24.81 11.31 -13.22
C ASN C 44 23.66 10.60 -12.52
N SER C 45 23.59 9.28 -12.64
CA SER C 45 22.48 8.54 -12.06
C SER C 45 22.67 8.14 -10.60
N GLY C 46 23.86 8.38 -10.08
CA GLY C 46 24.12 8.07 -8.66
C GLY C 46 25.00 6.86 -8.52
N ASN C 47 26.26 6.96 -8.96
CA ASN C 47 27.24 5.90 -8.84
C ASN C 47 28.43 6.54 -8.21
N ILE C 48 28.62 6.21 -6.93
N ILE C 48 28.55 6.40 -6.89
CA ILE C 48 29.58 6.85 -6.06
CA ILE C 48 29.74 6.93 -6.23
C ILE C 48 30.56 5.85 -5.47
C ILE C 48 30.60 5.83 -5.65
N PHE C 49 31.86 6.17 -5.46
CA PHE C 49 32.84 5.23 -4.98
C PHE C 49 33.65 5.92 -3.91
N PHE C 50 34.00 5.19 -2.86
CA PHE C 50 34.77 5.79 -1.76
C PHE C 50 35.50 4.68 -1.01
N THR C 51 36.50 5.07 -0.22
CA THR C 51 37.24 4.14 0.62
C THR C 51 37.08 4.54 2.08
N SER C 52 36.98 3.53 2.96
CA SER C 52 36.84 3.80 4.38
C SER C 52 37.31 2.60 5.21
N ILE C 53 37.76 2.87 6.43
CA ILE C 53 38.03 1.80 7.40
C ILE C 53 36.81 1.54 8.27
N ASP C 54 35.77 2.36 8.17
CA ASP C 54 34.59 2.16 9.04
C ASP C 54 33.87 0.86 8.70
N SER C 55 33.21 0.27 9.66
CA SER C 55 32.47 -0.96 9.35
C SER C 55 31.34 -0.69 8.40
N LYS C 56 30.91 -1.72 7.69
CA LYS C 56 29.76 -1.54 6.81
C LYS C 56 28.54 -1.01 7.55
N ALA C 57 28.25 -1.56 8.73
CA ALA C 57 27.08 -1.10 9.47
C ALA C 57 27.20 0.36 9.84
N GLN C 58 28.41 0.81 10.21
CA GLN C 58 28.62 2.22 10.50
C GLN C 58 28.40 3.09 9.28
N LEU C 59 28.88 2.62 8.12
CA LEU C 59 28.72 3.37 6.87
C LEU C 59 27.25 3.48 6.50
N VAL C 60 26.51 2.38 6.64
CA VAL C 60 25.09 2.44 6.31
C VAL C 60 24.37 3.44 7.21
N GLU C 61 24.64 3.43 8.52
CA GLU C 61 24.01 4.40 9.41
C GLU C 61 24.39 5.85 9.05
N LYS C 62 25.66 6.07 8.74
N LYS C 62 25.66 6.04 8.74
CA LYS C 62 26.14 7.42 8.39
CA LYS C 62 26.21 7.33 8.37
C LYS C 62 25.41 7.91 7.14
C LYS C 62 25.52 7.90 7.13
N LEU C 63 25.37 7.07 6.12
CA LEU C 63 24.77 7.48 4.85
C LEU C 63 23.26 7.65 5.00
N GLU C 64 22.60 6.75 5.74
CA GLU C 64 21.17 6.94 6.00
C GLU C 64 20.93 8.29 6.66
N THR C 65 21.74 8.63 7.66
CA THR C 65 21.55 9.90 8.37
C THR C 65 21.76 11.08 7.42
N PHE C 66 22.84 11.02 6.67
CA PHE C 66 23.14 12.08 5.71
C PHE C 66 22.03 12.27 4.68
N PHE C 67 21.58 11.22 4.03
CA PHE C 67 20.53 11.38 3.05
C PHE C 67 19.24 11.88 3.67
N ALA C 68 18.89 11.40 4.86
CA ALA C 68 17.59 11.80 5.46
C ALA C 68 17.56 13.31 5.66
N VAL C 69 18.71 13.90 5.92
CA VAL C 69 18.79 15.34 6.16
C VAL C 69 18.96 16.13 4.86
N HIS C 70 19.84 15.66 3.99
CA HIS C 70 20.32 16.49 2.88
C HIS C 70 19.74 16.12 1.53
N TYR C 71 19.28 14.88 1.37
CA TYR C 71 18.70 14.43 0.11
C TYR C 71 17.59 13.44 0.44
N PRO C 72 16.51 13.92 1.04
CA PRO C 72 15.52 13.00 1.61
C PRO C 72 14.77 12.14 0.61
N PHE C 73 14.85 12.48 -0.66
CA PHE C 73 14.26 11.65 -1.71
C PHE C 73 15.11 10.41 -2.02
N ILE C 74 16.33 10.33 -1.47
CA ILE C 74 17.14 9.11 -1.58
C ILE C 74 16.74 8.21 -0.40
N GLN C 75 15.82 7.30 -0.70
CA GLN C 75 15.18 6.47 0.33
C GLN C 75 15.60 5.02 0.32
N SER C 76 16.46 4.67 -0.61
CA SER C 76 17.09 3.37 -0.68
C SER C 76 18.46 3.58 -1.32
N PHE C 77 19.39 2.69 -1.02
CA PHE C 77 20.65 2.69 -1.75
C PHE C 77 21.31 1.34 -1.70
N SER C 78 22.15 1.06 -2.69
CA SER C 78 22.97 -0.12 -2.66
C SER C 78 24.37 0.26 -2.19
N LEU C 79 24.97 -0.56 -1.36
CA LEU C 79 26.33 -0.31 -0.87
C LEU C 79 27.05 -1.63 -0.90
N LEU C 80 28.09 -1.71 -1.71
CA LEU C 80 28.78 -2.98 -1.90
C LEU C 80 30.28 -2.77 -2.01
N SER C 81 31.07 -3.73 -1.56
CA SER C 81 32.54 -3.60 -1.56
C SER C 81 33.16 -4.16 -2.82
N LEU C 82 34.43 -3.82 -3.01
CA LEU C 82 35.23 -4.44 -4.05
C LEU C 82 35.18 -5.99 -3.95
N GLU C 83 35.33 -6.51 -2.73
N GLU C 83 35.37 -6.52 -2.74
CA GLU C 83 35.34 -7.96 -2.49
CA GLU C 83 35.34 -7.97 -2.50
C GLU C 83 34.00 -8.61 -2.86
C GLU C 83 34.00 -8.57 -2.94
N ASP C 84 32.90 -7.92 -2.58
CA ASP C 84 31.55 -8.37 -2.99
C ASP C 84 31.47 -8.47 -4.53
N PHE C 85 31.96 -7.44 -5.20
CA PHE C 85 31.84 -7.35 -6.64
C PHE C 85 32.73 -8.39 -7.30
N GLU C 86 33.94 -8.55 -6.79
N GLU C 86 33.95 -8.56 -6.79
CA GLU C 86 34.84 -9.58 -7.33
CA GLU C 86 34.84 -9.58 -7.35
C GLU C 86 34.20 -10.96 -7.23
C GLU C 86 34.29 -10.99 -7.18
N ALA C 87 33.53 -11.22 -6.11
CA ALA C 87 32.84 -12.50 -5.90
C ALA C 87 31.75 -12.66 -6.97
N GLU C 88 31.00 -11.60 -7.22
CA GLU C 88 30.01 -11.63 -8.29
C GLU C 88 30.64 -11.93 -9.65
N LEU C 89 31.80 -11.32 -9.95
CA LEU C 89 32.48 -11.49 -11.24
C LEU C 89 32.97 -12.92 -11.47
N GLU C 90 33.00 -13.73 -10.41
CA GLU C 90 33.37 -15.15 -10.53
C GLU C 90 32.22 -16.07 -10.95
N ASN C 91 31.00 -15.52 -11.01
CA ASN C 91 29.82 -16.30 -11.34
C ASN C 91 28.90 -15.55 -12.30
N LEU C 92 29.49 -14.98 -13.33
CA LEU C 92 28.71 -14.27 -14.34
C LEU C 92 28.05 -15.29 -15.26
N PRO C 93 26.79 -15.07 -15.60
CA PRO C 93 26.17 -15.97 -16.59
C PRO C 93 26.94 -15.94 -17.91
N ALA C 94 27.01 -17.05 -18.61
CA ALA C 94 27.72 -17.07 -19.89
C ALA C 94 27.04 -16.12 -20.87
N TRP C 95 25.73 -15.95 -20.78
CA TRP C 95 25.02 -15.09 -21.70
C TRP C 95 25.24 -13.60 -21.42
N TRP C 96 25.78 -13.29 -20.24
CA TRP C 96 25.98 -11.89 -19.88
C TRP C 96 26.98 -11.19 -20.78
N SER C 97 27.91 -11.92 -21.36
N SER C 97 27.87 -11.98 -21.37
CA SER C 97 28.88 -11.28 -22.24
CA SER C 97 28.93 -11.47 -22.24
C SER C 97 28.40 -11.16 -23.69
C SER C 97 28.57 -11.53 -23.74
N ARG C 98 27.32 -11.86 -24.04
CA ARG C 98 26.84 -11.94 -25.42
C ARG C 98 26.08 -10.66 -25.82
N ASP C 99 25.85 -10.47 -27.11
CA ASP C 99 25.29 -9.18 -27.58
C ASP C 99 23.76 -9.21 -27.58
N LEU C 100 23.18 -9.45 -26.42
CA LEU C 100 21.73 -9.39 -26.27
C LEU C 100 21.29 -7.96 -26.51
N ALA C 101 20.04 -7.78 -26.90
CA ALA C 101 19.54 -6.41 -27.15
C ALA C 101 19.67 -5.51 -25.93
N ARG C 102 19.29 -6.00 -24.75
CA ARG C 102 19.42 -5.22 -23.53
C ARG C 102 19.86 -6.10 -22.37
N LYS C 103 20.81 -5.64 -21.58
CA LYS C 103 21.28 -6.36 -20.41
C LYS C 103 21.28 -5.40 -19.27
N ASP C 104 20.56 -5.75 -18.22
CA ASP C 104 20.44 -4.91 -17.04
C ASP C 104 20.79 -5.70 -15.81
N PHE C 105 21.34 -5.01 -14.81
CA PHE C 105 21.60 -5.62 -13.52
C PHE C 105 20.75 -4.86 -12.52
N LEU C 106 19.96 -5.60 -11.74
CA LEU C 106 19.06 -4.99 -10.74
C LEU C 106 19.77 -5.18 -9.40
N PHE C 107 20.47 -4.14 -8.94
CA PHE C 107 21.20 -4.24 -7.69
C PHE C 107 20.26 -4.19 -6.49
N TYR C 108 20.43 -5.15 -5.59
CA TYR C 108 19.71 -5.11 -4.32
C TYR C 108 20.16 -3.91 -3.50
N THR C 109 19.28 -3.43 -2.65
CA THR C 109 19.59 -2.31 -1.75
C THR C 109 19.72 -2.78 -0.31
N GLU C 110 20.29 -1.92 0.53
CA GLU C 110 20.43 -2.25 1.95
C GLU C 110 19.05 -2.40 2.55
N GLY C 111 18.88 -3.48 3.31
CA GLY C 111 17.63 -3.77 3.98
C GLY C 111 16.59 -4.52 3.17
N LEU C 112 16.88 -4.76 1.90
CA LEU C 112 15.93 -5.43 1.00
C LEU C 112 15.69 -6.89 1.42
N ASP C 113 14.43 -7.30 1.36
CA ASP C 113 14.07 -8.69 1.63
C ASP C 113 14.30 -9.46 0.33
N VAL C 114 15.52 -9.92 0.16
CA VAL C 114 15.92 -10.52 -1.10
C VAL C 114 15.13 -11.80 -1.43
N ASP C 115 14.89 -12.64 -0.44
CA ASP C 115 14.16 -13.87 -0.72
C ASP C 115 12.75 -13.58 -1.21
N GLN C 116 12.13 -12.51 -0.71
CA GLN C 116 10.83 -12.13 -1.24
C GLN C 116 10.89 -11.58 -2.65
N VAL C 117 11.91 -10.77 -2.92
CA VAL C 117 12.14 -10.31 -4.30
C VAL C 117 12.24 -11.50 -5.25
N ILE C 118 13.01 -12.51 -4.82
CA ILE C 118 13.25 -13.67 -5.67
C ILE C 118 11.90 -14.37 -5.94
N ALA C 119 11.12 -14.58 -4.88
CA ALA C 119 9.81 -15.21 -5.06
C ALA C 119 8.90 -14.40 -6.02
N THR C 120 8.91 -13.08 -5.88
CA THR C 120 8.10 -12.25 -6.75
C THR C 120 8.57 -12.37 -8.20
N VAL C 121 9.90 -12.27 -8.42
CA VAL C 121 10.40 -12.40 -9.79
C VAL C 121 10.10 -13.78 -10.36
N GLU C 122 10.22 -14.82 -9.52
CA GLU C 122 9.95 -16.19 -9.99
C GLU C 122 8.50 -16.38 -10.41
N SER C 123 7.59 -15.56 -9.91
CA SER C 123 6.16 -15.68 -10.26
C SER C 123 5.83 -15.08 -11.63
N LEU C 124 6.76 -14.31 -12.20
CA LEU C 124 6.51 -13.70 -13.51
C LEU C 124 6.69 -14.71 -14.61
N GLU C 125 5.84 -14.63 -15.64
CA GLU C 125 6.04 -15.52 -16.78
C GLU C 125 6.99 -14.88 -17.79
N LEU C 126 8.19 -15.42 -17.81
CA LEU C 126 9.21 -14.88 -18.69
C LEU C 126 8.92 -15.26 -20.14
N LYS C 127 9.28 -14.35 -21.04
CA LYS C 127 9.18 -14.55 -22.47
C LYS C 127 10.56 -14.50 -23.12
N ASP C 128 10.84 -13.52 -23.97
CA ASP C 128 12.11 -13.58 -24.71
C ASP C 128 13.27 -12.94 -23.94
N GLU C 129 13.61 -13.62 -22.85
CA GLU C 129 14.51 -13.05 -21.84
C GLU C 129 15.04 -14.16 -20.97
N VAL C 130 16.06 -13.80 -20.18
N VAL C 130 16.12 -13.86 -20.25
CA VAL C 130 16.75 -14.73 -19.30
CA VAL C 130 16.67 -14.76 -19.24
C VAL C 130 17.21 -13.95 -18.08
C VAL C 130 17.11 -13.93 -18.07
N LEU C 131 17.07 -14.53 -16.89
CA LEU C 131 17.57 -13.86 -15.68
C LEU C 131 18.27 -14.86 -14.79
N TYR C 132 19.16 -14.35 -13.96
CA TYR C 132 19.91 -15.17 -13.03
C TYR C 132 20.02 -14.41 -11.73
N PHE C 133 19.75 -15.07 -10.62
CA PHE C 133 19.87 -14.46 -9.30
C PHE C 133 21.31 -14.53 -8.82
N GLY C 134 21.98 -13.38 -8.82
CA GLY C 134 23.36 -13.29 -8.35
C GLY C 134 23.40 -12.97 -6.89
N LYS C 135 24.58 -12.73 -6.34
N LYS C 135 24.60 -12.71 -6.39
CA LYS C 135 24.56 -12.39 -4.90
CA LYS C 135 24.76 -12.37 -4.99
C LYS C 135 24.33 -10.93 -4.58
C LYS C 135 24.21 -10.98 -4.69
N LEU C 136 24.58 -10.03 -5.54
CA LEU C 136 24.33 -8.62 -5.31
C LEU C 136 23.10 -8.11 -6.02
N GLY C 137 22.46 -8.97 -6.80
CA GLY C 137 21.32 -8.53 -7.59
C GLY C 137 20.98 -9.52 -8.67
N ILE C 138 20.17 -9.06 -9.61
CA ILE C 138 19.62 -9.93 -10.67
C ILE C 138 20.19 -9.53 -12.02
N PHE C 139 20.84 -10.49 -12.70
CA PHE C 139 21.23 -10.27 -14.11
C PHE C 139 19.97 -10.53 -14.97
N TRP C 140 19.61 -9.64 -15.89
CA TRP C 140 18.38 -9.84 -16.62
C TRP C 140 18.60 -9.38 -18.04
N GLY C 141 18.65 -10.36 -18.96
CA GLY C 141 18.93 -10.07 -20.37
C GLY C 141 17.66 -10.22 -21.19
N LYS C 142 17.49 -9.33 -22.17
CA LYS C 142 16.37 -9.39 -23.09
C LYS C 142 16.95 -9.57 -24.47
N PHE C 143 16.57 -10.62 -25.18
CA PHE C 143 17.30 -11.00 -26.40
C PHE C 143 17.16 -10.07 -27.57
N SER C 144 15.98 -9.51 -27.81
CA SER C 144 15.71 -8.85 -29.10
C SER C 144 14.87 -7.61 -28.98
N GLU C 145 15.19 -6.59 -29.76
CA GLU C 145 14.33 -5.42 -29.81
C GLU C 145 12.95 -5.76 -30.40
N GLU C 146 12.86 -6.80 -31.23
CA GLU C 146 11.58 -7.22 -31.81
C GLU C 146 10.58 -7.71 -30.76
N SER C 147 11.10 -8.38 -29.74
CA SER C 147 10.25 -9.04 -28.74
C SER C 147 10.29 -8.29 -27.40
N TYR C 148 11.12 -7.26 -27.28
CA TYR C 148 11.34 -6.59 -26.02
C TYR C 148 10.03 -6.16 -25.33
N SER C 149 9.10 -5.60 -26.10
CA SER C 149 7.89 -5.03 -25.48
C SER C 149 6.99 -6.12 -24.87
N LYS C 150 7.22 -7.38 -25.25
CA LYS C 150 6.45 -8.49 -24.68
C LYS C 150 7.14 -9.19 -23.50
N THR C 151 8.32 -8.73 -23.12
CA THR C 151 9.02 -9.36 -22.01
C THR C 151 8.35 -9.05 -20.70
N ALA C 152 8.56 -9.93 -19.74
CA ALA C 152 8.12 -9.66 -18.38
C ALA C 152 8.85 -8.46 -17.83
N TYR C 153 10.13 -8.31 -18.18
CA TYR C 153 10.88 -7.13 -17.73
C TYR C 153 10.15 -5.83 -18.09
N HIS C 154 9.74 -5.74 -19.33
CA HIS C 154 9.07 -4.53 -19.82
C HIS C 154 7.64 -4.43 -19.30
N LYS C 155 6.91 -5.54 -19.29
N LYS C 155 6.93 -5.55 -19.26
CA LYS C 155 5.47 -5.50 -18.92
CA LYS C 155 5.48 -5.49 -18.95
C LYS C 155 5.22 -5.30 -17.43
C LYS C 155 5.14 -5.47 -17.47
N TYR C 156 6.05 -5.93 -16.60
CA TYR C 156 5.70 -6.12 -15.20
C TYR C 156 6.57 -5.46 -14.18
N LEU C 157 7.75 -4.97 -14.55
CA LEU C 157 8.61 -4.42 -13.50
C LEU C 157 8.01 -3.25 -12.72
N LEU C 158 7.24 -2.37 -13.38
CA LEU C 158 6.60 -1.24 -12.68
C LEU C 158 5.53 -1.71 -11.73
N LYS C 159 5.12 -2.97 -11.84
CA LYS C 159 4.07 -3.49 -10.97
C LYS C 159 4.61 -4.11 -9.67
N VAL C 160 5.89 -4.43 -9.65
CA VAL C 160 6.40 -5.23 -8.50
C VAL C 160 6.58 -4.39 -7.26
N PRO C 161 6.37 -5.01 -6.06
CA PRO C 161 6.51 -4.20 -4.84
C PRO C 161 7.89 -3.63 -4.60
N PHE C 162 8.91 -4.27 -5.15
CA PHE C 162 10.29 -3.89 -4.90
C PHE C 162 10.82 -2.80 -5.83
N TYR C 163 10.00 -2.27 -6.74
CA TYR C 163 10.52 -1.41 -7.80
C TYR C 163 11.39 -0.24 -7.32
N ARG C 164 10.94 0.49 -6.32
N ARG C 164 10.93 0.45 -6.28
CA ARG C 164 11.74 1.64 -5.89
CA ARG C 164 11.63 1.61 -5.71
C ARG C 164 12.90 1.25 -4.94
C ARG C 164 12.73 1.24 -4.72
N HIS C 165 13.05 -0.05 -4.65
CA HIS C 165 14.06 -0.56 -3.72
C HIS C 165 15.10 -1.44 -4.37
N ILE C 166 15.26 -1.23 -5.67
CA ILE C 166 16.37 -1.82 -6.40
C ILE C 166 17.00 -0.71 -7.23
N THR C 167 18.29 -0.84 -7.49
N THR C 167 18.19 -0.98 -7.70
CA THR C 167 18.98 0.14 -8.32
CA THR C 167 18.99 0.05 -8.28
C THR C 167 19.31 -0.57 -9.62
C THR C 167 19.48 -0.47 -9.65
N ILE C 168 18.81 -0.03 -10.72
CA ILE C 168 18.98 -0.70 -12.01
C ILE C 168 20.03 -0.02 -12.86
N ARG C 169 20.97 -0.81 -13.39
CA ARG C 169 22.02 -0.28 -14.26
C ARG C 169 22.17 -1.19 -15.45
N ASN C 170 22.59 -0.65 -16.56
CA ASN C 170 22.90 -1.49 -17.71
C ASN C 170 24.24 -2.21 -17.58
N ALA C 171 24.53 -3.13 -18.49
CA ALA C 171 25.74 -3.92 -18.40
C ALA C 171 27.01 -3.07 -18.53
N LYS C 172 26.93 -1.99 -19.31
CA LYS C 172 28.09 -1.10 -19.48
C LYS C 172 28.44 -0.45 -18.13
N THR C 173 27.41 0.04 -17.44
CA THR C 173 27.67 0.63 -16.13
C THR C 173 28.05 -0.41 -15.07
N PHE C 174 27.45 -1.59 -15.12
CA PHE C 174 27.88 -2.68 -14.26
C PHE C 174 29.40 -2.91 -14.40
N ASP C 175 29.89 -3.02 -15.63
N ASP C 175 29.87 -3.02 -15.63
CA ASP C 175 31.33 -3.18 -15.84
CA ASP C 175 31.31 -3.21 -15.86
C ASP C 175 32.12 -2.04 -15.24
C ASP C 175 32.14 -2.04 -15.33
N LYS C 176 31.63 -0.82 -15.49
CA LYS C 176 32.35 0.36 -15.00
C LYS C 176 32.42 0.38 -13.46
N ILE C 177 31.35 -0.04 -12.80
CA ILE C 177 31.37 -0.11 -11.35
C ILE C 177 32.52 -1.01 -10.87
N GLY C 178 32.69 -2.15 -11.53
CA GLY C 178 33.80 -3.02 -11.18
C GLY C 178 35.16 -2.36 -11.35
N GLN C 179 35.31 -1.65 -12.45
N GLN C 179 35.32 -1.62 -12.43
CA GLN C 179 36.54 -0.92 -12.75
CA GLN C 179 36.60 -0.94 -12.71
C GLN C 179 36.82 0.08 -11.62
C GLN C 179 36.88 0.20 -11.72
N LEU C 181 35.74 0.28 -8.57
CA LEU C 181 36.04 -0.37 -7.30
C LEU C 181 37.49 -0.78 -7.15
N LYS C 182 38.14 -1.04 -8.28
CA LYS C 182 39.53 -1.52 -8.26
C LYS C 182 40.57 -0.43 -8.03
N LYS C 183 40.12 0.77 -7.64
CA LYS C 183 41.01 1.95 -7.48
C LYS C 183 41.46 2.24 -6.04
N SER D 1 24.15 -15.85 36.66
CA SER D 1 24.80 -14.58 37.10
C SER D 1 26.30 -14.61 36.82
N ASN D 2 27.03 -15.49 37.50
CA ASN D 2 28.48 -15.38 37.69
C ASN D 2 29.45 -15.11 36.52
N ALA D 3 29.03 -15.32 35.28
CA ALA D 3 29.94 -15.07 34.15
C ALA D 3 29.45 -14.00 33.16
N THR D 5 28.17 -12.75 30.11
CA THR D 5 27.37 -13.52 29.16
C THR D 5 26.92 -12.60 28.07
N ARG D 6 26.96 -13.08 26.83
CA ARG D 6 26.47 -12.36 25.68
C ARG D 6 25.01 -12.79 25.45
N TYR D 7 24.17 -11.79 25.29
CA TYR D 7 22.71 -11.94 25.14
C TYR D 7 22.21 -11.35 23.84
N ALA D 8 21.15 -11.94 23.31
CA ALA D 8 20.35 -11.36 22.25
C ALA D 8 19.02 -10.94 22.87
N LEU D 9 18.64 -9.72 22.58
CA LEU D 9 17.39 -9.11 23.00
C LEU D 9 16.59 -8.84 21.73
N LEU D 10 15.47 -9.53 21.56
CA LEU D 10 14.67 -9.44 20.34
C LEU D 10 13.32 -8.88 20.69
N VAL D 11 12.86 -7.91 19.91
CA VAL D 11 11.55 -7.34 20.17
C VAL D 11 10.70 -7.39 18.90
N ARG D 12 9.40 -7.45 19.08
CA ARG D 12 8.49 -7.44 17.94
C ARG D 12 7.79 -6.11 17.81
N GLY D 13 7.30 -5.84 16.61
CA GLY D 13 6.38 -4.76 16.38
C GLY D 13 6.94 -3.37 16.24
N ILE D 14 8.27 -3.23 16.17
CA ILE D 14 8.85 -1.90 16.10
C ILE D 14 9.18 -1.43 14.69
N ASN D 15 9.25 -0.11 14.53
CA ASN D 15 9.66 0.51 13.26
C ASN D 15 8.88 0.00 12.05
N VAL D 16 7.56 -0.12 12.25
CA VAL D 16 6.65 -0.52 11.17
C VAL D 16 5.42 0.39 11.19
N GLY D 17 4.72 0.46 10.06
CA GLY D 17 3.43 1.18 9.96
C GLY D 17 3.45 2.61 10.44
N GLY D 18 4.58 3.29 10.26
CA GLY D 18 4.73 4.70 10.64
C GLY D 18 4.66 5.01 12.12
N LYS D 19 4.88 4.00 12.97
N LYS D 19 4.90 3.98 12.95
CA LYS D 19 4.91 4.23 14.42
CA LYS D 19 4.78 4.09 14.40
C LYS D 19 5.83 3.23 15.10
C LYS D 19 5.78 3.16 15.09
N ASN D 20 5.73 3.17 16.42
CA ASN D 20 6.57 2.29 17.25
C ASN D 20 8.05 2.50 16.90
N LYS D 21 8.42 3.76 16.82
CA LYS D 21 9.73 4.14 16.31
C LYS D 21 10.80 3.99 17.38
N VAL D 22 11.87 3.29 17.00
CA VAL D 22 13.03 3.13 17.85
C VAL D 22 14.24 3.43 16.98
N VAL D 23 15.05 4.41 17.39
CA VAL D 23 16.26 4.73 16.68
C VAL D 23 17.39 3.91 17.30
N ALA D 25 20.71 3.85 17.20
CA ALA D 25 21.78 4.50 17.93
C ALA D 25 21.34 5.02 19.30
N GLU D 26 20.10 5.51 19.38
CA GLU D 26 19.57 5.99 20.66
C GLU D 26 19.40 4.84 21.62
N LEU D 27 18.78 3.76 21.17
CA LEU D 27 18.60 2.59 22.01
C LEU D 27 19.96 2.05 22.51
N ARG D 28 20.96 1.93 21.64
CA ARG D 28 22.26 1.46 22.06
C ARG D 28 22.83 2.34 23.17
N GLN D 29 22.72 3.66 23.01
CA GLN D 29 23.21 4.58 24.05
C GLN D 29 22.43 4.42 25.35
N GLU D 30 21.11 4.35 25.24
CA GLU D 30 20.26 4.20 26.42
C GLU D 30 20.53 2.90 27.18
N LEU D 31 20.70 1.80 26.46
CA LEU D 31 21.01 0.52 27.13
C LEU D 31 22.41 0.53 27.73
N THR D 32 23.34 1.27 27.13
CA THR D 32 24.68 1.43 27.70
C THR D 32 24.54 2.20 29.01
N ASN D 33 23.74 3.26 29.01
CA ASN D 33 23.51 4.00 30.26
C ASN D 33 22.82 3.15 31.31
N LEU D 34 21.95 2.23 30.88
CA LEU D 34 21.27 1.30 31.78
C LEU D 34 22.26 0.33 32.43
N GLY D 35 23.46 0.19 31.87
CA GLY D 35 24.49 -0.67 32.44
C GLY D 35 24.82 -1.92 31.63
N LEU D 36 24.27 -2.04 30.44
CA LEU D 36 24.58 -3.19 29.57
C LEU D 36 25.81 -2.84 28.80
N GLU D 37 26.61 -3.84 28.43
CA GLU D 37 27.90 -3.57 27.82
C GLU D 37 28.02 -4.04 26.39
N LYS D 38 28.88 -3.37 25.65
CA LYS D 38 29.20 -3.76 24.27
C LYS D 38 27.92 -3.95 23.45
N VAL D 39 27.06 -2.93 23.52
CA VAL D 39 25.73 -3.02 22.92
C VAL D 39 25.81 -2.82 21.41
N GLU D 40 25.23 -3.77 20.67
CA GLU D 40 25.22 -3.75 19.21
C GLU D 40 23.80 -4.03 18.72
N SER D 41 23.52 -3.61 17.50
CA SER D 41 22.20 -3.89 16.88
C SER D 41 22.39 -4.44 15.48
N TYR D 42 21.43 -5.25 15.05
CA TYR D 42 21.41 -5.78 13.70
C TYR D 42 20.13 -5.28 13.07
N ILE D 43 20.29 -4.60 11.93
CA ILE D 43 19.18 -4.01 11.17
C ILE D 43 18.27 -3.17 12.08
N ASN D 44 16.97 -3.12 11.80
CA ASN D 44 16.10 -2.14 12.45
C ASN D 44 14.85 -2.75 13.07
N SER D 45 14.73 -4.08 12.99
CA SER D 45 13.51 -4.75 13.45
C SER D 45 13.53 -5.06 14.93
N GLY D 46 14.63 -4.77 15.60
CA GLY D 46 14.71 -5.00 17.04
C GLY D 46 15.52 -6.23 17.39
N ASN D 47 16.82 -6.18 17.08
CA ASN D 47 17.75 -7.28 17.35
C ASN D 47 18.94 -6.63 18.00
N ILE D 48 19.02 -6.75 19.32
CA ILE D 48 20.03 -6.10 20.14
C ILE D 48 20.89 -7.16 20.80
N PHE D 49 22.20 -6.88 20.92
CA PHE D 49 23.12 -7.78 21.55
C PHE D 49 23.90 -7.02 22.58
N PHE D 50 24.12 -7.64 23.73
CA PHE D 50 24.86 -6.98 24.79
C PHE D 50 25.52 -8.01 25.67
N THR D 51 26.45 -7.56 26.51
CA THR D 51 27.12 -8.43 27.43
C THR D 51 26.81 -7.96 28.84
N SER D 52 26.62 -8.91 29.74
CA SER D 52 26.38 -8.61 31.13
C SER D 52 26.67 -9.78 32.03
N ILE D 53 27.14 -9.48 33.23
CA ILE D 53 27.33 -10.48 34.27
C ILE D 53 26.18 -10.46 35.28
N ASP D 54 25.22 -9.55 35.10
CA ASP D 54 24.08 -9.48 36.01
C ASP D 54 23.23 -10.74 35.86
N SER D 55 22.43 -11.07 36.88
CA SER D 55 21.58 -12.27 36.80
C SER D 55 20.52 -12.05 35.74
N LYS D 56 20.11 -13.13 35.09
CA LYS D 56 19.07 -12.98 34.07
C LYS D 56 17.80 -12.38 34.64
N ALA D 57 17.43 -12.77 35.87
CA ALA D 57 16.24 -12.23 36.52
C ALA D 57 16.29 -10.72 36.68
N GLN D 58 17.47 -10.22 37.07
CA GLN D 58 17.62 -8.78 37.19
C GLN D 58 17.67 -8.09 35.83
N LEU D 59 18.27 -8.75 34.83
CA LEU D 59 18.25 -8.18 33.48
C LEU D 59 16.83 -8.04 32.94
N VAL D 60 16.03 -9.08 33.13
CA VAL D 60 14.63 -9.03 32.69
C VAL D 60 13.86 -7.92 33.41
N GLU D 61 14.04 -7.78 34.72
CA GLU D 61 13.33 -6.74 35.46
C GLU D 61 13.77 -5.35 34.99
N LYS D 62 15.08 -5.18 34.78
CA LYS D 62 15.57 -3.89 34.36
C LYS D 62 15.06 -3.53 32.98
N LEU D 63 15.02 -4.53 32.09
CA LEU D 63 14.54 -4.26 30.72
C LEU D 63 13.05 -3.98 30.70
N GLU D 64 12.28 -4.73 31.48
CA GLU D 64 10.84 -4.45 31.58
C GLU D 64 10.60 -3.03 32.07
N THR D 65 11.31 -2.61 33.11
CA THR D 65 11.15 -1.26 33.61
C THR D 65 11.61 -0.23 32.58
N PHE D 66 12.71 -0.53 31.91
CA PHE D 66 13.23 0.37 30.87
C PHE D 66 12.23 0.60 29.74
N PHE D 67 11.69 -0.49 29.18
CA PHE D 67 10.74 -0.33 28.09
C PHE D 67 9.45 0.36 28.54
N ALA D 68 8.97 0.02 29.74
CA ALA D 68 7.71 0.64 30.22
C ALA D 68 7.82 2.16 30.24
N VAL D 69 9.02 2.69 30.50
CA VAL D 69 9.21 4.13 30.59
C VAL D 69 9.53 4.72 29.22
N HIS D 70 10.44 4.07 28.48
CA HIS D 70 11.02 4.68 27.28
C HIS D 70 10.37 4.29 25.96
N TYR D 71 9.87 3.06 25.89
CA TYR D 71 9.24 2.54 24.66
C TYR D 71 8.07 1.64 25.05
N PRO D 72 6.97 2.24 25.52
CA PRO D 72 5.88 1.47 26.14
C PRO D 72 5.15 0.55 25.17
N PHE D 73 5.33 0.73 23.87
CA PHE D 73 4.78 -0.22 22.89
C PHE D 73 5.58 -1.51 22.80
N ILE D 74 6.75 -1.57 23.43
CA ILE D 74 7.50 -2.84 23.52
C ILE D 74 6.99 -3.57 24.76
N GLN D 75 6.06 -4.50 24.55
CA GLN D 75 5.32 -5.13 25.63
C GLN D 75 5.63 -6.61 25.83
N SER D 76 6.57 -7.10 25.02
CA SER D 76 7.15 -8.42 25.20
C SER D 76 8.54 -8.37 24.63
N PHE D 77 9.41 -9.27 25.08
CA PHE D 77 10.70 -9.39 24.43
C PHE D 77 11.26 -10.77 24.67
N SER D 78 12.14 -11.21 23.77
CA SER D 78 12.90 -12.42 23.95
C SER D 78 14.30 -12.05 24.43
N LEU D 79 14.80 -12.79 25.41
CA LEU D 79 16.16 -12.56 25.91
C LEU D 79 16.81 -13.93 26.06
N LEU D 80 17.88 -14.13 25.31
CA LEU D 80 18.54 -15.43 25.32
C LEU D 80 20.04 -15.27 25.24
N SER D 81 20.76 -16.25 25.76
CA SER D 81 22.22 -16.17 25.78
C SER D 81 22.86 -16.91 24.61
N LEU D 82 24.15 -16.66 24.40
CA LEU D 82 24.92 -17.45 23.45
C LEU D 82 24.84 -18.94 23.80
N GLU D 83 25.00 -19.28 25.07
CA GLU D 83 24.89 -20.69 25.51
C GLU D 83 23.55 -21.29 25.06
N ASP D 84 22.46 -20.54 25.30
CA ASP D 84 21.12 -21.00 24.94
C ASP D 84 21.05 -21.29 23.45
N PHE D 85 21.60 -20.38 22.65
CA PHE D 85 21.53 -20.47 21.22
C PHE D 85 22.36 -21.65 20.70
N GLU D 86 23.54 -21.83 21.28
CA GLU D 86 24.39 -22.94 20.86
C GLU D 86 23.72 -24.27 21.18
N ALA D 87 23.01 -24.34 22.30
CA ALA D 87 22.25 -25.55 22.65
C ALA D 87 21.16 -25.80 21.59
N GLU D 88 20.48 -24.75 21.14
N GLU D 88 20.48 -24.74 21.16
CA GLU D 88 19.46 -24.89 20.10
CA GLU D 88 19.48 -24.88 20.09
C GLU D 88 20.05 -25.39 18.77
C GLU D 88 20.08 -25.46 18.82
N LEU D 89 21.26 -24.94 18.44
CA LEU D 89 21.96 -25.37 17.22
C LEU D 89 22.34 -26.84 17.25
N GLU D 90 22.33 -27.47 18.43
CA GLU D 90 22.64 -28.90 18.52
C GLU D 90 21.43 -29.79 18.23
N ASN D 91 20.28 -29.14 18.04
CA ASN D 91 19.00 -29.83 17.91
C ASN D 91 18.14 -29.23 16.79
N LEU D 92 18.74 -28.94 15.64
CA LEU D 92 18.02 -28.37 14.52
C LEU D 92 17.33 -29.50 13.78
N PRO D 93 16.08 -29.26 13.35
CA PRO D 93 15.44 -30.26 12.50
C PRO D 93 16.24 -30.48 11.20
N ALA D 94 16.22 -31.68 10.65
CA ALA D 94 16.96 -31.93 9.41
C ALA D 94 16.42 -31.07 8.28
N TRP D 95 15.12 -30.78 8.31
CA TRP D 95 14.52 -30.01 7.22
C TRP D 95 14.86 -28.53 7.32
N TRP D 96 15.36 -28.09 8.47
CA TRP D 96 15.63 -26.67 8.66
C TRP D 96 16.73 -26.18 7.74
N SER D 97 17.61 -27.07 7.29
N SER D 97 17.58 -27.11 7.29
CA SER D 97 18.66 -26.62 6.37
CA SER D 97 18.70 -26.80 6.37
C SER D 97 18.27 -26.72 4.89
C SER D 97 18.39 -27.09 4.90
N ARG D 98 17.13 -27.34 4.60
CA ARG D 98 16.70 -27.58 3.22
C ARG D 98 16.02 -26.35 2.59
N ASP D 99 15.83 -26.41 1.27
CA ASP D 99 15.35 -25.25 0.51
C ASP D 99 13.83 -25.15 0.48
N LEU D 100 13.23 -25.03 1.67
CA LEU D 100 11.79 -24.81 1.77
C LEU D 100 11.53 -23.38 1.34
N ALA D 101 10.32 -23.13 0.86
CA ALA D 101 10.00 -21.79 0.38
C ALA D 101 10.14 -20.75 1.47
N ARG D 102 9.69 -21.07 2.67
CA ARG D 102 9.77 -20.12 3.80
C ARG D 102 10.13 -20.87 5.07
N LYS D 103 11.03 -20.33 5.87
CA LYS D 103 11.39 -20.90 7.16
C LYS D 103 11.44 -19.79 8.19
N ASP D 104 10.69 -19.94 9.26
CA ASP D 104 10.64 -18.96 10.33
C ASP D 104 10.91 -19.59 11.67
N PHE D 105 11.48 -18.79 12.59
CA PHE D 105 11.62 -19.25 13.95
C PHE D 105 10.76 -18.30 14.80
N LEU D 106 9.89 -18.87 15.62
CA LEU D 106 9.03 -18.10 16.50
C LEU D 106 9.68 -18.13 17.90
N PHE D 107 10.42 -17.08 18.25
CA PHE D 107 11.11 -17.06 19.53
C PHE D 107 10.14 -16.81 20.67
N TYR D 108 10.22 -17.64 21.70
CA TYR D 108 9.46 -17.40 22.91
C TYR D 108 9.93 -16.11 23.57
N THR D 109 9.07 -15.48 24.35
CA THR D 109 9.40 -14.26 25.08
C THR D 109 9.39 -14.53 26.59
N GLU D 110 9.97 -13.60 27.33
CA GLU D 110 10.03 -13.73 28.77
C GLU D 110 8.64 -13.73 29.38
N GLY D 111 8.38 -14.72 30.22
CA GLY D 111 7.08 -14.78 30.88
C GLY D 111 6.03 -15.56 30.12
N LEU D 112 6.36 -16.01 28.92
CA LEU D 112 5.37 -16.72 28.10
C LEU D 112 5.04 -18.09 28.69
N ASP D 113 3.76 -18.47 28.68
CA ASP D 113 3.37 -19.81 29.07
C ASP D 113 3.58 -20.72 27.84
N VAL D 114 4.77 -21.31 27.75
CA VAL D 114 5.10 -22.13 26.59
C VAL D 114 4.16 -23.32 26.42
N ASP D 115 3.73 -23.92 27.53
CA ASP D 115 2.82 -25.03 27.41
C ASP D 115 1.48 -24.64 26.75
N GLN D 116 0.99 -23.43 27.06
CA GLN D 116 -0.21 -22.97 26.37
C GLN D 116 0.04 -22.75 24.88
N VAL D 117 1.20 -22.19 24.55
CA VAL D 117 1.54 -22.02 23.13
C VAL D 117 1.59 -23.36 22.39
N ILE D 118 2.20 -24.35 23.03
CA ILE D 118 2.27 -25.67 22.41
C ILE D 118 0.86 -26.23 22.19
N ALA D 119 0.00 -26.10 23.22
CA ALA D 119 -1.34 -26.66 23.07
C ALA D 119 -2.10 -25.97 21.96
N THR D 120 -1.99 -24.66 21.89
CA THR D 120 -2.67 -23.91 20.82
C THR D 120 -2.12 -24.30 19.45
N VAL D 121 -0.80 -24.34 19.32
CA VAL D 121 -0.23 -24.69 18.02
C VAL D 121 -0.63 -26.12 17.61
N GLU D 122 -0.62 -27.02 18.58
CA GLU D 122 -0.96 -28.41 18.28
C GLU D 122 -2.41 -28.55 17.86
N SER D 123 -3.27 -27.60 18.25
CA SER D 123 -4.70 -27.63 17.86
C SER D 123 -4.93 -27.25 16.41
N LEU D 124 -3.92 -26.66 15.75
CA LEU D 124 -4.09 -26.19 14.39
C LEU D 124 -3.93 -27.34 13.40
N GLU D 125 -4.77 -27.36 12.37
CA GLU D 125 -4.59 -28.38 11.34
C GLU D 125 -3.56 -27.93 10.32
N LEU D 126 -2.38 -28.53 10.39
CA LEU D 126 -1.29 -28.20 9.46
C LEU D 126 -1.57 -28.75 8.08
N LYS D 127 -1.08 -28.04 7.08
CA LYS D 127 -1.18 -28.45 5.69
C LYS D 127 0.26 -28.56 5.11
N ASP D 128 0.65 -27.69 4.18
CA ASP D 128 1.93 -27.96 3.50
C ASP D 128 3.06 -27.28 4.26
N GLU D 129 3.33 -27.84 5.44
CA GLU D 129 4.22 -27.21 6.39
C GLU D 129 4.64 -28.23 7.41
N VAL D 130 5.64 -27.83 8.19
N VAL D 130 5.74 -27.92 8.11
CA VAL D 130 6.24 -28.69 9.19
CA VAL D 130 6.17 -28.72 9.24
C VAL D 130 6.73 -27.80 10.33
C VAL D 130 6.62 -27.78 10.33
N LEU D 131 6.50 -28.22 11.57
CA LEU D 131 7.01 -27.42 12.68
C LEU D 131 7.62 -28.31 13.75
N TYR D 132 8.51 -27.75 14.54
CA TYR D 132 9.15 -28.49 15.60
C TYR D 132 9.30 -27.57 16.81
N PHE D 133 8.95 -28.04 17.99
CA PHE D 133 9.05 -27.23 19.20
C PHE D 133 10.46 -27.34 19.75
N GLY D 134 11.26 -26.28 19.61
CA GLY D 134 12.61 -26.26 20.15
C GLY D 134 12.63 -25.71 21.57
N LYS D 135 13.81 -25.44 22.09
CA LYS D 135 13.89 -24.93 23.45
C LYS D 135 13.54 -23.45 23.52
N LEU D 136 14.00 -22.70 22.53
CA LEU D 136 13.85 -21.26 22.54
C LEU D 136 12.66 -20.77 21.74
N GLY D 137 12.01 -21.68 21.03
CA GLY D 137 10.93 -21.28 20.18
C GLY D 137 10.58 -22.39 19.22
N ILE D 138 9.81 -22.00 18.20
CA ILE D 138 9.23 -22.99 17.26
C ILE D 138 9.88 -22.81 15.89
N PHE D 139 10.48 -23.88 15.34
CA PHE D 139 10.87 -23.88 13.94
C PHE D 139 9.64 -24.16 13.09
N TRP D 140 9.41 -23.40 12.04
CA TRP D 140 8.19 -23.61 11.25
C TRP D 140 8.48 -23.35 9.80
N GLY D 141 8.43 -24.43 9.01
CA GLY D 141 8.80 -24.39 7.59
C GLY D 141 7.54 -24.55 6.77
N LYS D 142 7.48 -23.79 5.69
CA LYS D 142 6.39 -23.91 4.73
C LYS D 142 7.02 -24.29 3.38
N PHE D 143 6.53 -25.37 2.77
CA PHE D 143 7.28 -25.97 1.66
C PHE D 143 7.22 -25.20 0.38
N SER D 144 6.11 -24.54 0.10
CA SER D 144 5.96 -23.99 -1.26
C SER D 144 5.18 -22.69 -1.31
N GLU D 145 5.60 -21.79 -2.17
CA GLU D 145 4.81 -20.59 -2.40
C GLU D 145 3.42 -20.90 -2.94
N GLU D 146 3.28 -21.95 -3.72
N GLU D 146 3.31 -21.95 -3.74
CA GLU D 146 1.96 -22.25 -4.31
CA GLU D 146 2.01 -22.37 -4.30
C GLU D 146 0.92 -22.76 -3.30
C GLU D 146 0.97 -22.56 -3.20
N SER D 147 1.38 -23.29 -2.16
CA SER D 147 0.48 -23.79 -1.14
C SER D 147 0.52 -22.92 0.11
N TYR D 148 1.31 -21.87 0.12
CA TYR D 148 1.53 -21.10 1.33
C TYR D 148 0.22 -20.53 1.92
N SER D 149 -0.65 -20.05 1.05
CA SER D 149 -1.88 -19.39 1.56
C SER D 149 -2.85 -20.39 2.21
N LYS D 150 -2.62 -21.69 2.05
CA LYS D 150 -3.43 -22.71 2.71
C LYS D 150 -2.80 -23.25 3.99
N THR D 151 -1.62 -22.74 4.36
CA THR D 151 -0.99 -23.25 5.55
C THR D 151 -1.64 -22.70 6.84
N ALA D 152 -1.51 -23.46 7.92
CA ALA D 152 -1.94 -22.97 9.22
C ALA D 152 -1.13 -21.75 9.63
N TYR D 153 0.15 -21.72 9.30
CA TYR D 153 0.97 -20.55 9.59
C TYR D 153 0.33 -19.28 9.05
N HIS D 154 -0.04 -19.31 7.78
CA HIS D 154 -0.67 -18.16 7.17
C HIS D 154 -2.07 -17.89 7.68
N LYS D 155 -2.90 -18.95 7.70
CA LYS D 155 -4.33 -18.76 7.96
C LYS D 155 -4.64 -18.44 9.39
N TYR D 156 -3.85 -18.93 10.34
CA TYR D 156 -4.28 -18.91 11.72
C TYR D 156 -3.43 -18.15 12.70
N LEU D 157 -2.20 -17.77 12.37
N LEU D 157 -2.20 -17.78 12.36
CA LEU D 157 -1.38 -17.16 13.42
CA LEU D 157 -1.35 -17.16 13.38
C LEU D 157 -1.85 -15.80 13.92
C LEU D 157 -1.98 -15.89 13.95
N LEU D 158 -2.56 -15.04 13.10
CA LEU D 158 -3.16 -13.79 13.60
C LEU D 158 -4.33 -14.02 14.54
N LYS D 159 -4.86 -15.24 14.54
CA LYS D 159 -5.98 -15.59 15.41
C LYS D 159 -5.57 -16.02 16.82
N VAL D 160 -4.28 -16.25 17.08
CA VAL D 160 -3.87 -16.85 18.37
C VAL D 160 -3.57 -15.78 19.41
N PRO D 161 -3.90 -16.04 20.67
CA PRO D 161 -3.62 -15.10 21.75
C PRO D 161 -2.13 -14.84 21.96
N PHE D 162 -1.27 -15.76 21.55
CA PHE D 162 0.14 -15.60 21.83
C PHE D 162 0.89 -14.76 20.81
N TYR D 163 0.21 -14.32 19.75
CA TYR D 163 0.90 -13.68 18.66
C TYR D 163 1.81 -12.52 19.04
N ARG D 164 1.33 -11.62 19.91
CA ARG D 164 2.12 -10.45 20.29
C ARG D 164 3.16 -10.80 21.33
N HIS D 165 3.26 -12.08 21.70
CA HIS D 165 4.17 -12.56 22.75
C HIS D 165 5.15 -13.57 22.19
N ILE D 166 5.34 -13.55 20.88
CA ILE D 166 6.44 -14.27 20.27
C ILE D 166 7.18 -13.30 19.37
N THR D 167 8.42 -13.60 19.06
CA THR D 167 9.20 -12.75 18.20
C THR D 167 9.58 -13.56 16.98
N ILE D 168 9.03 -13.21 15.84
CA ILE D 168 9.21 -14.04 14.65
C ILE D 168 10.38 -13.53 13.85
N ARG D 169 11.30 -14.42 13.49
CA ARG D 169 12.42 -14.09 12.62
C ARG D 169 12.55 -15.13 11.54
N ASN D 170 12.90 -14.72 10.34
CA ASN D 170 13.14 -15.72 9.32
C ASN D 170 14.44 -16.50 9.60
N ALA D 171 14.62 -17.61 8.87
CA ALA D 171 15.77 -18.43 9.11
C ALA D 171 17.09 -17.72 8.87
N LYS D 172 17.13 -16.81 7.90
CA LYS D 172 18.35 -16.07 7.64
C LYS D 172 18.70 -15.17 8.83
N THR D 173 17.70 -14.53 9.43
CA THR D 173 17.93 -13.69 10.60
C THR D 173 18.24 -14.52 11.85
N PHE D 174 17.59 -15.70 11.98
CA PHE D 174 17.95 -16.64 13.04
C PHE D 174 19.46 -16.92 12.95
N ASP D 175 19.97 -17.24 11.76
N ASP D 175 19.96 -17.21 11.75
CA ASP D 175 21.41 -17.47 11.61
CA ASP D 175 21.38 -17.49 11.56
C ASP D 175 22.21 -16.25 12.04
C ASP D 175 22.26 -16.28 11.90
N LYS D 176 21.81 -15.09 11.56
CA LYS D 176 22.54 -13.84 11.88
C LYS D 176 22.57 -13.59 13.40
N ILE D 177 21.47 -13.85 14.10
CA ILE D 177 21.44 -13.78 15.55
C ILE D 177 22.53 -14.65 16.16
N GLY D 178 22.67 -15.89 15.69
CA GLY D 178 23.71 -16.74 16.22
C GLY D 178 25.10 -16.18 15.92
N GLN D 179 25.28 -15.61 14.74
CA GLN D 179 26.59 -15.04 14.36
C GLN D 179 26.91 -13.84 15.24
N LEU D 181 25.84 -13.26 18.25
CA LEU D 181 26.08 -13.76 19.60
C LEU D 181 27.49 -14.31 19.80
N LYS D 182 28.02 -14.90 18.72
CA LYS D 182 29.30 -15.61 18.72
C LYS D 182 30.51 -14.71 18.59
N LYS D 183 30.30 -13.51 18.05
N LYS D 183 30.36 -13.58 17.91
CA LYS D 183 31.32 -12.46 17.98
CA LYS D 183 31.53 -12.76 17.57
C LYS D 183 31.88 -12.13 19.37
C LYS D 183 32.00 -11.91 18.75
#